data_1GN1
#
_entry.id   1GN1
#
_cell.length_a   60.244
_cell.length_b   234.229
_cell.length_c   62.703
_cell.angle_alpha   90.00
_cell.angle_beta   114.70
_cell.angle_gamma   90.00
#
_symmetry.space_group_name_H-M   'P 1 21 1'
#
loop_
_entity.id
_entity.type
_entity.pdbx_description
1 polymer CCT-GAMMA
2 non-polymer 'CALCIUM ION'
3 water water
#
_entity_poly.entity_id   1
_entity_poly.type   'polypeptide(L)'
_entity_poly.pdbx_seq_one_letter_code
;MEDSCVLRGVMINKDVTHPRMRRYIKNPRIVLLDSSLEYKKGESQTDIEITREEDFTRILQMEEEYIHQLCEDIIQLKPD
VVITEKGISDLAQHYLMRANVTAIRRVRKTDNNRIARACGARIVSRPEELREDDVGTGAGLLEIKKIGDEYFTFITDCKD
PKACTILLRGASHHHHHH
;
_entity_poly.pdbx_strand_id   A,B,C,D,E,F,G,H
#
# COMPACT_ATOMS: atom_id res chain seq x y z
N VAL A 6 25.99 -7.09 -43.32
CA VAL A 6 26.95 -6.19 -42.59
C VAL A 6 26.54 -4.72 -42.68
N LEU A 7 27.47 -3.81 -42.42
CA LEU A 7 27.20 -2.37 -42.45
C LEU A 7 28.45 -1.62 -42.90
N ARG A 8 28.27 -0.56 -43.69
CA ARG A 8 29.38 0.25 -44.22
C ARG A 8 29.23 1.73 -43.95
N GLY A 9 30.37 2.44 -43.82
CA GLY A 9 30.28 3.87 -43.58
C GLY A 9 31.48 4.40 -42.83
N VAL A 10 31.25 5.37 -41.97
CA VAL A 10 32.31 5.95 -41.19
C VAL A 10 31.85 6.07 -39.74
N MET A 11 32.74 5.79 -38.80
CA MET A 11 32.40 5.89 -37.40
C MET A 11 33.43 6.71 -36.65
N ILE A 12 33.01 7.82 -36.07
CA ILE A 12 33.96 8.64 -35.33
C ILE A 12 33.50 8.85 -33.89
N ASN A 13 34.45 8.89 -33.00
CA ASN A 13 34.19 9.09 -31.59
C ASN A 13 33.86 10.55 -31.33
N LYS A 14 32.66 10.98 -31.70
CA LYS A 14 32.25 12.37 -31.46
C LYS A 14 30.74 12.44 -31.23
N ASP A 15 30.30 13.55 -30.68
CA ASP A 15 28.89 13.77 -30.40
C ASP A 15 28.59 15.20 -30.80
N VAL A 16 27.30 15.52 -30.94
CA VAL A 16 26.89 16.86 -31.30
C VAL A 16 27.41 17.88 -30.27
N THR A 17 27.51 19.13 -30.68
CA THR A 17 28.00 20.17 -29.77
C THR A 17 26.94 20.56 -28.77
N HIS A 18 25.68 20.44 -29.15
CA HIS A 18 24.61 20.76 -28.23
C HIS A 18 23.61 19.60 -28.26
N PRO A 19 23.07 19.21 -27.09
CA PRO A 19 22.11 18.11 -26.87
C PRO A 19 20.78 18.25 -27.62
N ARG A 20 20.36 19.47 -27.85
CA ARG A 20 19.13 19.67 -28.56
C ARG A 20 19.29 19.24 -30.02
N MET A 21 20.46 19.51 -30.61
CA MET A 21 20.69 19.16 -32.02
C MET A 21 20.30 17.71 -32.34
N ARG A 22 19.78 17.47 -33.55
CA ARG A 22 19.37 16.12 -33.98
C ARG A 22 20.47 15.08 -34.03
N ARG A 23 20.28 13.99 -33.32
CA ARG A 23 21.27 12.94 -33.34
C ARG A 23 20.97 11.89 -34.40
N TYR A 24 19.85 12.06 -35.09
CA TYR A 24 19.44 11.12 -36.12
C TYR A 24 18.93 11.91 -37.32
N ILE A 25 19.52 11.68 -38.49
CA ILE A 25 19.14 12.40 -39.71
C ILE A 25 19.27 11.51 -40.94
N LYS A 26 18.19 11.41 -41.72
CA LYS A 26 18.24 10.62 -42.93
C LYS A 26 18.56 11.52 -44.12
N ASN A 27 19.25 10.95 -45.11
CA ASN A 27 19.65 11.70 -46.31
C ASN A 27 20.22 13.07 -45.91
N PRO A 28 21.25 13.06 -45.04
CA PRO A 28 21.90 14.28 -44.54
C PRO A 28 22.65 15.05 -45.57
N ARG A 29 22.56 16.36 -45.46
CA ARG A 29 23.30 17.25 -46.33
C ARG A 29 24.44 17.65 -45.44
N ILE A 30 25.59 17.04 -45.70
CA ILE A 30 26.79 17.28 -44.91
C ILE A 30 27.71 18.35 -45.48
N VAL A 31 28.24 19.19 -44.59
CA VAL A 31 29.16 20.25 -44.98
C VAL A 31 30.43 20.13 -44.13
N LEU A 32 31.56 19.86 -44.77
CA LEU A 32 32.82 19.73 -44.06
C LEU A 32 33.68 20.99 -44.06
N LEU A 33 34.26 21.32 -42.90
CA LEU A 33 35.12 22.49 -42.79
C LEU A 33 36.42 22.13 -42.10
N ASP A 34 37.45 22.94 -42.33
CA ASP A 34 38.75 22.70 -41.68
C ASP A 34 39.16 23.96 -40.92
N SER A 35 38.26 24.96 -40.95
CA SER A 35 38.50 26.22 -40.28
C SER A 35 37.72 26.30 -38.98
N SER A 36 38.02 27.32 -38.19
CA SER A 36 37.36 27.49 -36.92
C SER A 36 36.14 28.37 -37.03
N LEU A 37 35.13 28.04 -36.22
CA LEU A 37 33.90 28.81 -36.18
C LEU A 37 33.89 29.57 -34.88
N GLU A 38 34.98 30.27 -34.58
CA GLU A 38 34.98 31.07 -33.36
C GLU A 38 35.52 32.43 -33.73
N TYR A 39 35.52 33.34 -32.78
CA TYR A 39 36.04 34.66 -33.07
C TYR A 39 37.40 34.86 -32.43
N LYS A 40 38.18 35.74 -33.03
CA LYS A 40 39.50 36.05 -32.53
C LYS A 40 40.00 37.32 -33.24
N LYS A 41 40.62 38.22 -32.46
CA LYS A 41 41.18 39.48 -32.99
C LYS A 41 40.12 40.52 -33.31
N GLU A 53 35.79 55.03 -24.78
CA GLU A 53 34.83 54.09 -25.33
C GLU A 53 34.68 52.83 -24.47
N GLU A 54 33.48 52.24 -24.47
CA GLU A 54 33.22 51.00 -23.73
C GLU A 54 33.51 49.88 -24.72
N ASP A 55 34.78 49.49 -24.74
CA ASP A 55 35.28 48.43 -25.61
C ASP A 55 34.47 47.14 -25.49
N PHE A 56 33.99 46.80 -24.29
CA PHE A 56 33.23 45.56 -24.09
C PHE A 56 32.02 45.47 -25.03
N THR A 57 31.06 46.36 -24.87
CA THR A 57 29.91 46.33 -25.75
C THR A 57 30.43 46.28 -27.20
N ARG A 58 31.44 47.10 -27.50
CA ARG A 58 32.02 47.14 -28.85
C ARG A 58 32.60 45.80 -29.32
N ILE A 59 33.28 45.10 -28.43
CA ILE A 59 33.89 43.80 -28.75
C ILE A 59 32.83 42.76 -28.96
N LEU A 60 31.70 42.91 -28.25
CA LEU A 60 30.59 41.97 -28.39
C LEU A 60 29.94 42.15 -29.78
N GLN A 61 29.84 43.40 -30.22
CA GLN A 61 29.27 43.66 -31.52
C GLN A 61 30.18 43.20 -32.64
N MET A 62 31.49 43.36 -32.51
CA MET A 62 32.37 42.92 -33.60
C MET A 62 32.32 41.40 -33.74
N GLU A 63 32.33 40.71 -32.60
CA GLU A 63 32.30 39.24 -32.53
C GLU A 63 31.03 38.64 -33.13
N GLU A 64 29.91 39.28 -32.81
CA GLU A 64 28.60 38.84 -33.26
C GLU A 64 28.43 38.96 -34.78
N GLU A 65 28.83 40.09 -35.38
CA GLU A 65 28.73 40.26 -36.82
C GLU A 65 29.57 39.19 -37.53
N TYR A 66 30.73 38.87 -36.96
CA TYR A 66 31.59 37.85 -37.57
C TYR A 66 30.84 36.53 -37.68
N ILE A 67 30.59 35.95 -36.51
CA ILE A 67 29.88 34.66 -36.31
C ILE A 67 28.54 34.58 -37.05
N HIS A 68 27.82 35.70 -37.01
CA HIS A 68 26.55 35.74 -37.69
C HIS A 68 26.81 35.52 -39.18
N GLN A 69 27.67 36.34 -39.80
CA GLN A 69 27.92 36.16 -41.24
C GLN A 69 28.58 34.82 -41.57
N LEU A 70 29.31 34.23 -40.63
CA LEU A 70 29.93 32.92 -40.89
C LEU A 70 28.79 31.90 -40.98
N CYS A 71 27.89 31.97 -40.00
CA CYS A 71 26.76 31.04 -39.94
C CYS A 71 25.81 31.23 -41.12
N GLU A 72 25.52 32.49 -41.46
CA GLU A 72 24.68 32.80 -42.61
C GLU A 72 25.23 32.18 -43.89
N ASP A 73 26.55 32.17 -44.02
CA ASP A 73 27.16 31.62 -45.22
C ASP A 73 26.91 30.13 -45.28
N ILE A 74 26.98 29.48 -44.13
CA ILE A 74 26.76 28.05 -44.03
C ILE A 74 25.31 27.71 -44.29
N ILE A 75 24.42 28.39 -43.56
CA ILE A 75 22.98 28.20 -43.69
C ILE A 75 22.50 28.42 -45.13
N GLN A 76 23.10 29.38 -45.83
CA GLN A 76 22.68 29.64 -47.20
C GLN A 76 22.79 28.40 -48.08
N LEU A 77 23.32 27.31 -47.53
CA LEU A 77 23.42 26.07 -48.30
C LEU A 77 22.57 24.99 -47.72
N LYS A 78 21.65 25.40 -46.86
CA LYS A 78 20.73 24.47 -46.24
C LYS A 78 21.34 23.09 -45.94
N PRO A 79 22.26 23.07 -45.01
CA PRO A 79 22.86 21.78 -44.67
C PRO A 79 22.19 21.19 -43.43
N ASP A 80 22.34 19.89 -43.22
CA ASP A 80 21.75 19.26 -42.03
C ASP A 80 22.82 19.18 -40.96
N VAL A 81 24.03 18.85 -41.40
CA VAL A 81 25.16 18.72 -40.50
C VAL A 81 26.33 19.59 -40.95
N VAL A 82 27.07 20.12 -39.98
CA VAL A 82 28.25 20.92 -40.26
C VAL A 82 29.31 20.35 -39.34
N ILE A 83 30.36 19.81 -39.94
CA ILE A 83 31.46 19.23 -39.18
C ILE A 83 32.76 20.00 -39.46
N THR A 84 33.54 20.26 -38.42
CA THR A 84 34.80 20.97 -38.62
C THR A 84 35.95 20.36 -37.82
N GLU A 85 37.16 20.60 -38.30
CA GLU A 85 38.36 20.10 -37.66
C GLU A 85 38.72 20.97 -36.45
N LYS A 86 38.31 22.24 -36.47
CA LYS A 86 38.59 23.15 -35.38
C LYS A 86 37.47 23.21 -34.34
N GLY A 87 37.29 24.39 -33.77
CA GLY A 87 36.25 24.56 -32.77
C GLY A 87 35.06 25.36 -33.24
N ILE A 88 34.00 25.36 -32.42
CA ILE A 88 32.78 26.10 -32.72
C ILE A 88 32.35 26.89 -31.49
N SER A 89 32.30 28.22 -31.61
CA SER A 89 31.91 29.05 -30.49
C SER A 89 30.49 28.75 -30.05
N ASP A 90 30.20 29.10 -28.81
CA ASP A 90 28.87 28.86 -28.28
C ASP A 90 27.83 29.66 -29.08
N LEU A 91 28.17 30.86 -29.47
CA LEU A 91 27.25 31.67 -30.23
C LEU A 91 26.94 30.98 -31.55
N ALA A 92 27.99 30.50 -32.21
CA ALA A 92 27.82 29.81 -33.48
C ALA A 92 26.92 28.60 -33.30
N GLN A 93 27.20 27.82 -32.29
CA GLN A 93 26.41 26.64 -32.02
C GLN A 93 24.92 27.04 -32.02
N HIS A 94 24.56 28.03 -31.21
CA HIS A 94 23.18 28.47 -31.15
C HIS A 94 22.58 28.94 -32.46
N TYR A 95 23.34 29.67 -33.26
CA TYR A 95 22.83 30.10 -34.56
C TYR A 95 22.57 28.88 -35.44
N LEU A 96 23.50 27.94 -35.49
CA LEU A 96 23.33 26.75 -36.32
C LEU A 96 22.16 25.93 -35.80
N MET A 97 22.12 25.83 -34.48
CA MET A 97 21.08 25.08 -33.80
C MET A 97 19.71 25.68 -34.10
N ARG A 98 19.69 27.02 -34.26
CA ARG A 98 18.49 27.84 -34.59
C ARG A 98 18.10 27.74 -36.06
N ALA A 99 18.89 26.98 -36.78
CA ALA A 99 18.58 26.72 -38.18
C ALA A 99 18.45 25.23 -38.37
N ASN A 100 18.28 24.54 -37.26
CA ASN A 100 18.11 23.10 -37.28
C ASN A 100 19.29 22.39 -37.96
N VAL A 101 20.48 22.85 -37.65
CA VAL A 101 21.71 22.30 -38.20
C VAL A 101 22.54 21.65 -37.11
N THR A 102 22.86 20.38 -37.27
CA THR A 102 23.68 19.69 -36.26
C THR A 102 25.15 20.02 -36.48
N ALA A 103 25.88 20.28 -35.40
CA ALA A 103 27.29 20.62 -35.53
C ALA A 103 28.22 19.73 -34.75
N ILE A 104 29.32 19.31 -35.38
CA ILE A 104 30.31 18.47 -34.71
C ILE A 104 31.66 19.19 -34.84
N ARG A 105 32.39 19.32 -33.76
CA ARG A 105 33.67 20.02 -33.80
C ARG A 105 34.88 19.18 -33.43
N ARG A 106 36.06 19.74 -33.68
CA ARG A 106 37.32 19.09 -33.37
C ARG A 106 37.42 17.71 -33.93
N VAL A 107 37.00 17.52 -35.17
CA VAL A 107 37.07 16.22 -35.80
C VAL A 107 38.45 16.06 -36.38
N ARG A 108 39.03 14.89 -36.16
CA ARG A 108 40.33 14.60 -36.70
C ARG A 108 40.38 14.82 -38.21
N LYS A 109 41.51 15.34 -38.66
CA LYS A 109 41.72 15.60 -40.06
C LYS A 109 41.51 14.30 -40.84
N THR A 110 42.02 13.19 -40.32
CA THR A 110 41.83 11.92 -41.01
C THR A 110 40.35 11.57 -41.08
N ASP A 111 39.66 11.63 -39.94
CA ASP A 111 38.24 11.32 -39.92
C ASP A 111 37.49 12.25 -40.86
N ASN A 112 37.83 13.52 -40.80
CA ASN A 112 37.17 14.49 -41.66
C ASN A 112 37.35 14.09 -43.12
N ASN A 113 38.51 13.52 -43.44
CA ASN A 113 38.79 13.06 -44.79
C ASN A 113 37.92 11.85 -45.12
N ARG A 114 37.84 10.87 -44.21
CA ARG A 114 37.02 9.69 -44.43
C ARG A 114 35.57 10.07 -44.68
N ILE A 115 35.07 11.02 -43.91
CA ILE A 115 33.70 11.47 -44.06
C ILE A 115 33.50 12.10 -45.44
N ALA A 116 34.50 12.86 -45.87
CA ALA A 116 34.42 13.52 -47.17
C ALA A 116 34.24 12.50 -48.28
N ARG A 117 35.06 11.47 -48.24
CA ARG A 117 34.96 10.46 -49.25
C ARG A 117 33.62 9.70 -49.15
N ALA A 118 33.17 9.38 -47.93
CA ALA A 118 31.94 8.64 -47.74
C ALA A 118 30.66 9.36 -48.20
N CYS A 119 30.55 10.64 -47.92
CA CYS A 119 29.34 11.35 -48.33
C CYS A 119 29.58 12.21 -49.56
N GLY A 120 30.82 12.26 -50.01
CA GLY A 120 31.14 13.03 -51.19
C GLY A 120 31.22 14.53 -50.99
N ALA A 121 31.45 14.99 -49.76
CA ALA A 121 31.56 16.42 -49.54
C ALA A 121 33.01 16.83 -49.79
N ARG A 122 33.26 18.12 -49.94
CA ARG A 122 34.62 18.59 -50.11
C ARG A 122 34.92 19.55 -48.99
N ILE A 123 35.88 19.17 -48.18
CA ILE A 123 36.29 19.99 -47.06
C ILE A 123 36.67 21.38 -47.54
N VAL A 124 36.09 22.40 -46.93
CA VAL A 124 36.33 23.80 -47.29
C VAL A 124 36.87 24.58 -46.09
N SER A 125 37.40 25.78 -46.33
CA SER A 125 37.92 26.59 -45.23
C SER A 125 36.96 27.70 -44.83
N ARG A 126 36.75 28.70 -45.67
CA ARG A 126 35.80 29.77 -45.31
C ARG A 126 34.44 29.38 -45.90
N PRO A 127 33.38 29.34 -45.08
CA PRO A 127 32.07 28.96 -45.61
C PRO A 127 31.65 29.60 -46.94
N GLU A 128 32.01 30.87 -47.16
CA GLU A 128 31.68 31.61 -48.38
C GLU A 128 32.23 31.03 -49.67
N GLU A 129 33.07 30.01 -49.57
CA GLU A 129 33.61 29.46 -50.80
C GLU A 129 32.91 28.15 -51.16
N LEU A 130 31.80 27.89 -50.47
CA LEU A 130 31.03 26.68 -50.71
C LEU A 130 30.15 26.73 -51.95
N ARG A 131 29.99 25.57 -52.57
CA ARG A 131 29.16 25.41 -53.73
C ARG A 131 28.29 24.21 -53.47
N GLU A 132 27.24 24.07 -54.26
CA GLU A 132 26.35 22.95 -54.11
C GLU A 132 27.10 21.62 -54.18
N ASP A 133 28.04 21.47 -55.12
CA ASP A 133 28.76 20.19 -55.19
C ASP A 133 29.67 19.91 -53.98
N ASP A 134 29.97 20.93 -53.19
CA ASP A 134 30.84 20.76 -52.03
C ASP A 134 30.09 20.03 -50.95
N VAL A 135 28.78 20.26 -50.91
CA VAL A 135 27.88 19.64 -49.95
C VAL A 135 27.69 18.19 -50.32
N GLY A 136 28.03 17.32 -49.39
CA GLY A 136 27.97 15.89 -49.61
C GLY A 136 26.59 15.31 -49.39
N THR A 137 26.17 14.45 -50.31
CA THR A 137 24.86 13.82 -50.20
C THR A 137 24.96 12.32 -50.45
N GLY A 138 26.17 11.79 -50.50
CA GLY A 138 26.37 10.37 -50.74
C GLY A 138 26.06 9.51 -49.55
N ALA A 139 25.89 10.15 -48.40
CA ALA A 139 25.59 9.43 -47.17
C ALA A 139 24.09 9.47 -47.00
N GLY A 140 23.52 8.32 -46.69
CA GLY A 140 22.08 8.25 -46.51
C GLY A 140 21.59 8.21 -45.09
N LEU A 141 22.49 8.20 -44.12
CA LEU A 141 22.06 8.15 -42.72
C LEU A 141 23.13 8.59 -41.72
N LEU A 142 22.81 9.63 -40.96
CA LEU A 142 23.72 10.16 -39.94
C LEU A 142 23.09 9.83 -38.59
N GLU A 143 23.64 8.85 -37.88
CA GLU A 143 23.08 8.48 -36.59
C GLU A 143 24.12 8.54 -35.49
N ILE A 144 23.85 9.36 -34.48
CA ILE A 144 24.77 9.49 -33.37
C ILE A 144 24.25 8.73 -32.16
N LYS A 145 24.68 7.49 -31.97
CA LYS A 145 24.21 6.74 -30.81
C LYS A 145 25.27 6.52 -29.75
N LYS A 146 24.82 6.19 -28.54
CA LYS A 146 25.73 5.98 -27.42
C LYS A 146 26.15 4.55 -27.26
N ILE A 147 27.46 4.36 -27.12
CA ILE A 147 27.96 3.00 -26.92
C ILE A 147 28.88 3.09 -25.72
N GLY A 148 28.63 2.28 -24.70
CA GLY A 148 29.44 2.34 -23.51
C GLY A 148 29.26 3.71 -22.90
N ASP A 149 30.37 4.31 -22.49
CA ASP A 149 30.32 5.62 -21.86
C ASP A 149 30.49 6.76 -22.85
N GLU A 150 30.82 6.42 -24.10
CA GLU A 150 31.05 7.44 -25.12
C GLU A 150 29.99 7.48 -26.21
N TYR A 151 29.96 8.59 -26.93
CA TYR A 151 29.03 8.77 -28.04
C TYR A 151 29.80 8.55 -29.34
N PHE A 152 29.12 8.01 -30.35
CA PHE A 152 29.75 7.77 -31.63
C PHE A 152 28.83 8.23 -32.72
N THR A 153 29.41 8.85 -33.71
CA THR A 153 28.64 9.32 -34.85
C THR A 153 28.83 8.29 -35.96
N PHE A 154 27.72 7.87 -36.57
CA PHE A 154 27.76 6.89 -37.66
C PHE A 154 27.23 7.47 -38.96
N ILE A 155 28.06 7.50 -39.98
CA ILE A 155 27.64 7.99 -41.28
C ILE A 155 27.67 6.75 -42.15
N THR A 156 26.48 6.30 -42.54
CA THR A 156 26.33 5.06 -43.32
C THR A 156 25.37 5.21 -44.50
N ASP A 157 25.16 4.10 -45.22
CA ASP A 157 24.30 4.07 -46.42
C ASP A 157 24.83 5.05 -47.49
N CYS A 158 25.80 4.55 -48.24
CA CYS A 158 26.51 5.30 -49.27
C CYS A 158 26.01 5.02 -50.67
N LYS A 159 25.73 6.10 -51.41
CA LYS A 159 25.27 6.00 -52.78
C LYS A 159 26.27 5.17 -53.58
N ASP A 160 27.45 4.96 -53.00
CA ASP A 160 28.49 4.19 -53.64
C ASP A 160 29.13 3.26 -52.61
N PRO A 161 29.05 1.95 -52.85
CA PRO A 161 29.62 0.98 -51.91
C PRO A 161 31.10 1.22 -51.66
N LYS A 162 31.90 1.15 -52.71
CA LYS A 162 33.33 1.34 -52.60
C LYS A 162 33.69 2.62 -51.86
N ALA A 163 32.87 3.65 -52.02
CA ALA A 163 33.11 4.92 -51.36
C ALA A 163 33.16 4.80 -49.84
N CYS A 164 32.70 3.66 -49.33
CA CYS A 164 32.66 3.45 -47.89
C CYS A 164 33.22 2.11 -47.49
N THR A 165 33.90 2.08 -46.36
CA THR A 165 34.47 0.83 -45.88
C THR A 165 33.50 0.07 -44.98
N ILE A 166 33.77 -1.20 -44.76
CA ILE A 166 32.90 -2.00 -43.93
C ILE A 166 33.06 -1.71 -42.44
N LEU A 167 31.92 -1.78 -41.76
CA LEU A 167 31.78 -1.57 -40.32
C LEU A 167 31.00 -2.76 -39.71
N ASP B 3 15.76 -8.61 -36.74
CA ASP B 3 16.95 -7.97 -37.38
C ASP B 3 18.04 -9.01 -37.67
N SER B 4 18.42 -9.78 -36.66
CA SER B 4 19.45 -10.84 -36.79
C SER B 4 20.84 -10.34 -37.17
N CYS B 5 20.91 -9.06 -37.55
CA CYS B 5 22.17 -8.42 -37.93
C CYS B 5 22.60 -7.45 -36.81
N VAL B 6 22.03 -7.63 -35.61
CA VAL B 6 22.38 -6.78 -34.48
C VAL B 6 23.48 -7.44 -33.67
N LEU B 7 24.60 -6.73 -33.55
CA LEU B 7 25.73 -7.21 -32.79
C LEU B 7 25.56 -6.79 -31.34
N ARG B 8 25.70 -7.76 -30.44
CA ARG B 8 25.60 -7.50 -29.02
C ARG B 8 26.97 -7.80 -28.44
N GLY B 9 27.31 -7.13 -27.35
CA GLY B 9 28.57 -7.33 -26.66
C GLY B 9 29.05 -6.05 -26.01
N VAL B 10 30.36 -5.86 -25.99
CA VAL B 10 30.94 -4.68 -25.40
C VAL B 10 32.00 -4.13 -26.36
N MET B 11 32.06 -2.82 -26.50
CA MET B 11 33.05 -2.21 -27.37
C MET B 11 33.80 -1.11 -26.63
N ILE B 12 35.11 -1.27 -26.50
CA ILE B 12 35.88 -0.23 -25.83
C ILE B 12 37.01 0.29 -26.72
N ASN B 13 37.27 1.59 -26.62
CA ASN B 13 38.32 2.25 -27.39
C ASN B 13 39.70 1.89 -26.82
N LYS B 14 40.16 0.67 -27.06
CA LYS B 14 41.47 0.24 -26.57
C LYS B 14 42.09 -0.75 -27.52
N ASP B 15 43.38 -0.96 -27.36
CA ASP B 15 44.12 -1.91 -28.19
C ASP B 15 45.06 -2.65 -27.28
N VAL B 16 45.60 -3.75 -27.77
CA VAL B 16 46.54 -4.55 -26.99
C VAL B 16 47.76 -3.70 -26.60
N THR B 17 48.46 -4.10 -25.54
CA THR B 17 49.63 -3.36 -25.08
C THR B 17 50.84 -3.61 -25.98
N HIS B 18 50.96 -4.83 -26.50
CA HIS B 18 52.07 -5.23 -27.36
C HIS B 18 51.56 -5.74 -28.72
N PRO B 19 52.02 -5.14 -29.83
CA PRO B 19 51.61 -5.52 -31.19
C PRO B 19 51.70 -7.00 -31.51
N ARG B 20 52.51 -7.72 -30.74
CA ARG B 20 52.71 -9.13 -30.97
C ARG B 20 51.56 -9.98 -30.44
N MET B 21 50.84 -9.42 -29.48
CA MET B 21 49.71 -10.09 -28.85
C MET B 21 48.54 -10.32 -29.79
N ARG B 22 47.81 -11.41 -29.59
CA ARG B 22 46.69 -11.72 -30.43
C ARG B 22 45.60 -10.66 -30.40
N ARG B 23 45.10 -10.30 -31.57
CA ARG B 23 44.01 -9.34 -31.59
C ARG B 23 42.68 -10.05 -31.83
N TYR B 24 42.77 -11.34 -32.14
CA TYR B 24 41.58 -12.13 -32.42
C TYR B 24 41.65 -13.42 -31.61
N ILE B 25 40.63 -13.67 -30.80
CA ILE B 25 40.57 -14.86 -29.94
C ILE B 25 39.15 -15.37 -29.78
N LYS B 26 38.94 -16.63 -30.12
CA LYS B 26 37.59 -17.17 -30.00
C LYS B 26 37.44 -17.91 -28.67
N ASN B 27 36.35 -17.63 -27.94
CA ASN B 27 36.10 -18.28 -26.64
C ASN B 27 37.15 -17.88 -25.68
N PRO B 28 37.31 -16.57 -25.52
CA PRO B 28 38.31 -16.00 -24.63
C PRO B 28 38.15 -16.36 -23.18
N ARG B 29 39.26 -16.64 -22.51
CA ARG B 29 39.21 -16.86 -21.05
C ARG B 29 39.70 -15.48 -20.61
N ILE B 30 38.77 -14.65 -20.16
CA ILE B 30 39.06 -13.30 -19.72
C ILE B 30 39.29 -13.15 -18.21
N VAL B 31 40.28 -12.34 -17.84
CA VAL B 31 40.58 -12.10 -16.44
C VAL B 31 40.63 -10.59 -16.20
N LEU B 32 39.71 -10.09 -15.38
CA LEU B 32 39.66 -8.66 -15.10
C LEU B 32 40.37 -8.25 -13.81
N LEU B 33 41.10 -7.15 -13.86
CA LEU B 33 41.81 -6.65 -12.69
C LEU B 33 41.55 -5.16 -12.51
N ASP B 34 41.74 -4.65 -11.30
CA ASP B 34 41.56 -3.23 -11.04
C ASP B 34 42.84 -2.69 -10.40
N SER B 35 43.82 -3.57 -10.27
CA SER B 35 45.11 -3.21 -9.69
C SER B 35 46.14 -2.98 -10.78
N SER B 36 47.28 -2.44 -10.38
CA SER B 36 48.35 -2.17 -11.32
C SER B 36 49.32 -3.33 -11.44
N LEU B 37 49.89 -3.45 -12.63
CA LEU B 37 50.85 -4.47 -12.90
C LEU B 37 52.15 -3.74 -13.19
N GLU B 38 52.51 -2.84 -12.27
CA GLU B 38 53.74 -2.06 -12.37
C GLU B 38 54.61 -2.30 -11.12
N TYR B 39 55.04 -1.23 -10.46
CA TYR B 39 55.89 -1.37 -9.27
C TYR B 39 55.71 -0.25 -8.24
N LYS B 40 55.89 0.99 -8.72
CA LYS B 40 55.78 2.21 -7.90
C LYS B 40 54.76 2.12 -6.77
N GLU B 63 62.01 -5.74 -7.81
CA GLU B 63 61.15 -5.24 -8.87
C GLU B 63 60.93 -6.32 -9.92
N GLU B 64 62.05 -6.71 -10.55
CA GLU B 64 62.10 -7.73 -11.60
C GLU B 64 61.66 -9.15 -11.14
N GLU B 65 60.95 -9.20 -10.02
CA GLU B 65 60.45 -10.46 -9.48
C GLU B 65 59.07 -10.23 -8.90
N TYR B 66 58.75 -8.96 -8.62
CA TYR B 66 57.44 -8.59 -8.10
C TYR B 66 56.53 -8.82 -9.28
N ILE B 67 56.99 -8.33 -10.43
CA ILE B 67 56.31 -8.47 -11.69
C ILE B 67 56.31 -9.94 -12.09
N HIS B 68 57.45 -10.63 -12.06
CA HIS B 68 57.43 -12.04 -12.45
C HIS B 68 56.33 -12.74 -11.64
N GLN B 69 56.37 -12.56 -10.34
CA GLN B 69 55.38 -13.19 -9.48
C GLN B 69 54.00 -12.81 -9.98
N LEU B 70 53.75 -11.51 -10.02
CA LEU B 70 52.46 -10.98 -10.45
C LEU B 70 51.97 -11.68 -11.70
N CYS B 71 52.84 -11.73 -12.70
CA CYS B 71 52.48 -12.36 -13.95
C CYS B 71 52.23 -13.85 -13.78
N GLU B 72 53.07 -14.49 -12.99
CA GLU B 72 52.91 -15.90 -12.74
C GLU B 72 51.54 -16.20 -12.11
N ASP B 73 51.07 -15.29 -11.27
CA ASP B 73 49.77 -15.48 -10.63
C ASP B 73 48.67 -15.40 -11.66
N ILE B 74 48.83 -14.50 -12.61
CA ILE B 74 47.84 -14.33 -13.67
C ILE B 74 47.84 -15.55 -14.59
N ILE B 75 49.02 -15.88 -15.08
CA ILE B 75 49.20 -17.02 -15.97
C ILE B 75 48.70 -18.32 -15.39
N GLN B 76 48.97 -18.55 -14.11
CA GLN B 76 48.57 -19.78 -13.47
C GLN B 76 47.17 -20.21 -13.91
N LEU B 77 46.24 -19.25 -13.97
CA LEU B 77 44.87 -19.54 -14.36
C LEU B 77 44.64 -19.78 -15.84
N LYS B 78 45.72 -19.83 -16.62
CA LYS B 78 45.64 -20.06 -18.08
C LYS B 78 44.60 -19.18 -18.80
N PRO B 79 44.75 -17.83 -18.72
CA PRO B 79 43.80 -16.92 -19.37
C PRO B 79 44.26 -16.54 -20.77
N ASP B 80 43.34 -16.06 -21.59
CA ASP B 80 43.71 -15.65 -22.95
C ASP B 80 43.95 -14.14 -22.93
N VAL B 81 43.10 -13.44 -22.19
CA VAL B 81 43.18 -12.00 -22.06
C VAL B 81 43.24 -11.56 -20.62
N VAL B 82 44.00 -10.50 -20.35
CA VAL B 82 44.09 -9.93 -19.02
C VAL B 82 43.87 -8.44 -19.22
N ILE B 83 42.81 -7.93 -18.62
CA ILE B 83 42.47 -6.52 -18.73
C ILE B 83 42.52 -5.86 -17.36
N THR B 84 43.07 -4.66 -17.27
CA THR B 84 43.14 -3.97 -15.99
C THR B 84 42.79 -2.49 -16.11
N GLU B 85 42.35 -1.93 -14.99
CA GLU B 85 41.99 -0.51 -14.93
C GLU B 85 43.23 0.34 -14.81
N LYS B 86 44.29 -0.26 -14.24
CA LYS B 86 45.56 0.43 -14.05
C LYS B 86 46.53 0.15 -15.19
N GLY B 87 47.81 0.35 -14.92
CA GLY B 87 48.82 0.14 -15.95
C GLY B 87 49.52 -1.20 -15.91
N ILE B 88 50.30 -1.47 -16.95
CA ILE B 88 51.04 -2.72 -17.05
C ILE B 88 52.49 -2.42 -17.47
N SER B 89 53.44 -2.77 -16.61
CA SER B 89 54.85 -2.52 -16.91
C SER B 89 55.29 -3.24 -18.17
N ASP B 90 56.35 -2.78 -18.80
CA ASP B 90 56.88 -3.41 -20.00
C ASP B 90 57.32 -4.83 -19.71
N LEU B 91 57.90 -5.03 -18.53
CA LEU B 91 58.35 -6.36 -18.17
C LEU B 91 57.16 -7.28 -18.09
N ALA B 92 56.11 -6.83 -17.42
CA ALA B 92 54.91 -7.64 -17.29
C ALA B 92 54.34 -7.96 -18.67
N GLN B 93 54.23 -6.95 -19.54
CA GLN B 93 53.74 -7.17 -20.91
C GLN B 93 54.47 -8.31 -21.54
N HIS B 94 55.78 -8.23 -21.45
CA HIS B 94 56.58 -9.26 -22.02
C HIS B 94 56.31 -10.69 -21.50
N TYR B 95 56.22 -10.84 -20.17
CA TYR B 95 55.95 -12.14 -19.55
C TYR B 95 54.60 -12.66 -19.99
N LEU B 96 53.58 -11.81 -19.95
CA LEU B 96 52.25 -12.23 -20.36
C LEU B 96 52.27 -12.63 -21.82
N MET B 97 52.94 -11.81 -22.63
CA MET B 97 53.05 -12.03 -24.06
C MET B 97 53.74 -13.35 -24.36
N ARG B 98 54.71 -13.68 -23.54
CA ARG B 98 55.42 -14.89 -23.74
C ARG B 98 54.47 -16.08 -23.44
N ALA B 99 53.49 -15.89 -22.56
CA ALA B 99 52.56 -16.97 -22.21
C ALA B 99 51.33 -16.91 -23.11
N ASN B 100 51.48 -16.23 -24.24
CA ASN B 100 50.43 -16.10 -25.22
C ASN B 100 49.16 -15.50 -24.62
N VAL B 101 49.34 -14.49 -23.76
CA VAL B 101 48.25 -13.81 -23.08
C VAL B 101 48.14 -12.38 -23.56
N THR B 102 46.98 -12.00 -24.07
CA THR B 102 46.80 -10.63 -24.54
C THR B 102 46.48 -9.72 -23.36
N ALA B 103 47.10 -8.54 -23.32
CA ALA B 103 46.86 -7.62 -22.22
C ALA B 103 46.36 -6.25 -22.63
N ILE B 104 45.37 -5.73 -21.91
CA ILE B 104 44.82 -4.41 -22.19
C ILE B 104 44.89 -3.63 -20.90
N ARG B 105 45.39 -2.40 -20.98
CA ARG B 105 45.53 -1.59 -19.78
C ARG B 105 44.76 -0.29 -19.78
N ARG B 106 44.68 0.31 -18.59
CA ARG B 106 43.99 1.58 -18.38
C ARG B 106 42.56 1.59 -18.86
N VAL B 107 41.86 0.50 -18.62
CA VAL B 107 40.48 0.41 -19.05
C VAL B 107 39.60 1.11 -18.03
N ARG B 108 38.64 1.92 -18.47
CA ARG B 108 37.73 2.61 -17.55
C ARG B 108 37.06 1.64 -16.57
N LYS B 109 36.82 2.08 -15.34
CA LYS B 109 36.17 1.21 -14.35
C LYS B 109 34.81 0.83 -14.92
N THR B 110 34.17 1.79 -15.58
CA THR B 110 32.86 1.46 -16.12
C THR B 110 32.99 0.36 -17.18
N ASP B 111 33.89 0.55 -18.15
CA ASP B 111 34.08 -0.44 -19.18
C ASP B 111 34.45 -1.77 -18.56
N ASN B 112 35.37 -1.73 -17.61
CA ASN B 112 35.79 -2.95 -16.96
C ASN B 112 34.60 -3.66 -16.34
N ASN B 113 33.66 -2.88 -15.84
CA ASN B 113 32.47 -3.49 -15.30
C ASN B 113 31.68 -4.15 -16.43
N ARG B 114 31.36 -3.36 -17.47
CA ARG B 114 30.57 -3.88 -18.58
C ARG B 114 31.14 -5.21 -19.06
N ILE B 115 32.46 -5.27 -19.18
CA ILE B 115 33.11 -6.49 -19.64
C ILE B 115 32.85 -7.63 -18.64
N ALA B 116 32.90 -7.30 -17.36
CA ALA B 116 32.67 -8.30 -16.32
C ALA B 116 31.30 -8.95 -16.48
N ARG B 117 30.25 -8.14 -16.67
CA ARG B 117 28.92 -8.71 -16.87
C ARG B 117 28.85 -9.50 -18.17
N ALA B 118 29.42 -8.94 -19.23
CA ALA B 118 29.35 -9.60 -20.51
C ALA B 118 29.99 -10.97 -20.57
N CYS B 119 31.17 -11.14 -19.99
CA CYS B 119 31.81 -12.44 -20.06
C CYS B 119 31.70 -13.21 -18.75
N GLY B 120 31.12 -12.56 -17.75
CA GLY B 120 30.93 -13.21 -16.47
C GLY B 120 32.16 -13.31 -15.60
N ALA B 121 33.14 -12.45 -15.81
CA ALA B 121 34.34 -12.51 -14.99
C ALA B 121 34.10 -11.66 -13.75
N ARG B 122 34.96 -11.83 -12.75
CA ARG B 122 34.86 -11.06 -11.51
C ARG B 122 36.13 -10.24 -11.39
N ILE B 123 35.98 -8.92 -11.44
CA ILE B 123 37.13 -8.06 -11.29
C ILE B 123 37.81 -8.35 -9.94
N VAL B 124 39.11 -8.59 -9.98
CA VAL B 124 39.90 -8.90 -8.79
C VAL B 124 41.03 -7.89 -8.61
N SER B 125 41.65 -7.86 -7.43
CA SER B 125 42.75 -6.93 -7.20
C SER B 125 44.09 -7.62 -7.27
N ARG B 126 44.28 -8.50 -6.29
CA ARG B 126 45.49 -9.26 -6.16
C ARG B 126 45.43 -10.58 -6.91
N PRO B 127 46.36 -10.77 -7.85
CA PRO B 127 46.51 -11.95 -8.70
C PRO B 127 46.56 -13.25 -7.93
N GLU B 128 46.69 -13.18 -6.62
CA GLU B 128 46.78 -14.44 -5.90
C GLU B 128 45.43 -14.89 -5.48
N GLU B 129 44.53 -13.94 -5.31
CA GLU B 129 43.19 -14.27 -4.88
C GLU B 129 42.37 -14.85 -6.03
N LEU B 130 43.00 -14.97 -7.19
CA LEU B 130 42.30 -15.48 -8.35
C LEU B 130 41.95 -16.96 -8.25
N ARG B 131 40.83 -17.30 -8.85
CA ARG B 131 40.32 -18.67 -8.88
C ARG B 131 39.57 -18.89 -10.20
N GLU B 132 39.48 -20.15 -10.63
CA GLU B 132 38.82 -20.56 -11.86
C GLU B 132 37.45 -19.92 -12.05
N ASP B 133 36.84 -19.56 -10.92
CA ASP B 133 35.53 -18.96 -10.89
C ASP B 133 35.58 -17.48 -11.29
N ASP B 134 36.74 -16.83 -11.10
CA ASP B 134 36.84 -15.42 -11.47
C ASP B 134 37.08 -15.23 -12.98
N VAL B 135 37.50 -16.32 -13.65
CA VAL B 135 37.75 -16.29 -15.09
C VAL B 135 36.47 -16.35 -15.92
N GLY B 136 36.14 -15.25 -16.59
CA GLY B 136 34.94 -15.14 -17.41
C GLY B 136 35.03 -15.94 -18.69
N THR B 137 33.96 -16.67 -18.99
CA THR B 137 33.92 -17.47 -20.21
C THR B 137 32.61 -17.27 -20.95
N GLY B 138 31.83 -16.27 -20.53
CA GLY B 138 30.54 -16.02 -21.17
C GLY B 138 30.67 -15.32 -22.51
N ALA B 139 31.87 -14.85 -22.81
CA ALA B 139 32.11 -14.16 -24.06
C ALA B 139 32.67 -15.19 -25.01
N GLY B 140 32.14 -15.22 -26.22
CA GLY B 140 32.60 -16.17 -27.21
C GLY B 140 33.55 -15.64 -28.26
N LEU B 141 33.83 -14.34 -28.24
CA LEU B 141 34.72 -13.78 -29.26
C LEU B 141 35.33 -12.42 -28.87
N LEU B 142 36.66 -12.38 -28.81
CA LEU B 142 37.38 -11.16 -28.48
C LEU B 142 38.10 -10.73 -29.75
N GLU B 143 37.60 -9.68 -30.39
CA GLU B 143 38.23 -9.21 -31.63
C GLU B 143 38.60 -7.75 -31.55
N ILE B 144 39.89 -7.47 -31.73
CA ILE B 144 40.37 -6.10 -31.67
C ILE B 144 40.65 -5.59 -33.07
N LYS B 145 39.68 -4.91 -33.68
CA LYS B 145 39.96 -4.40 -35.01
C LYS B 145 40.09 -2.90 -35.02
N LYS B 146 40.56 -2.39 -36.15
CA LYS B 146 40.78 -0.99 -36.26
C LYS B 146 39.64 -0.33 -36.99
N ILE B 147 39.27 0.84 -36.51
CA ILE B 147 38.22 1.60 -37.14
C ILE B 147 38.70 3.03 -37.17
N GLY B 148 38.75 3.63 -38.35
CA GLY B 148 39.24 4.99 -38.45
C GLY B 148 40.70 4.98 -38.04
N ASP B 149 41.06 6.02 -37.31
CA ASP B 149 42.42 6.12 -36.87
C ASP B 149 42.67 5.40 -35.55
N GLU B 150 41.60 4.94 -34.91
CA GLU B 150 41.72 4.26 -33.62
C GLU B 150 41.44 2.78 -33.65
N TYR B 151 41.88 2.09 -32.60
CA TYR B 151 41.64 0.67 -32.47
C TYR B 151 40.50 0.47 -31.48
N PHE B 152 39.71 -0.58 -31.69
CA PHE B 152 38.59 -0.88 -30.80
C PHE B 152 38.58 -2.36 -30.46
N THR B 153 38.34 -2.70 -29.19
CA THR B 153 38.25 -4.09 -28.73
C THR B 153 36.78 -4.45 -28.68
N PHE B 154 36.42 -5.59 -29.27
CA PHE B 154 35.03 -6.05 -29.28
C PHE B 154 34.88 -7.38 -28.57
N ILE B 155 34.07 -7.40 -27.52
CA ILE B 155 33.82 -8.65 -26.80
C ILE B 155 32.36 -8.94 -27.09
N THR B 156 32.13 -9.98 -27.88
CA THR B 156 30.79 -10.35 -28.32
C THR B 156 30.48 -11.83 -28.20
N ASP B 157 29.27 -12.18 -28.62
CA ASP B 157 28.72 -13.53 -28.61
C ASP B 157 28.47 -13.96 -27.17
N CYS B 158 27.80 -13.09 -26.43
CA CYS B 158 27.48 -13.33 -25.03
C CYS B 158 26.57 -14.52 -24.80
N LYS B 159 26.93 -15.39 -23.86
CA LYS B 159 26.06 -16.52 -23.60
C LYS B 159 24.82 -16.03 -22.85
N ASP B 160 24.99 -14.96 -22.09
CA ASP B 160 23.86 -14.44 -21.38
C ASP B 160 23.08 -13.38 -22.16
N PRO B 161 21.84 -13.73 -22.53
CA PRO B 161 20.94 -12.88 -23.29
C PRO B 161 20.66 -11.55 -22.61
N LYS B 162 20.69 -11.55 -21.28
CA LYS B 162 20.42 -10.32 -20.56
C LYS B 162 21.70 -9.70 -20.01
N ALA B 163 22.81 -9.85 -20.72
CA ALA B 163 24.04 -9.27 -20.21
C ALA B 163 24.71 -8.26 -21.12
N CYS B 164 24.51 -8.37 -22.43
CA CYS B 164 25.17 -7.44 -23.34
C CYS B 164 24.22 -6.51 -24.03
N THR B 165 24.65 -5.27 -24.26
CA THR B 165 23.80 -4.31 -24.94
C THR B 165 24.04 -4.36 -26.45
N ILE B 166 23.15 -3.75 -27.22
CA ILE B 166 23.30 -3.74 -28.66
C ILE B 166 24.39 -2.73 -29.02
N LEU B 167 25.36 -3.14 -29.83
CA LEU B 167 26.44 -2.24 -30.20
C LEU B 167 26.13 -1.55 -31.52
N LEU B 168 26.14 -2.36 -32.58
CA LEU B 168 25.86 -1.91 -33.92
C LEU B 168 24.55 -2.56 -34.40
N ARG B 169 23.76 -1.81 -35.17
CA ARG B 169 22.49 -2.32 -35.68
C ARG B 169 22.80 -3.22 -36.87
N GLY B 170 21.72 -3.71 -37.47
CA GLY B 170 21.87 -4.55 -38.65
C GLY B 170 22.68 -3.85 -39.72
N ASP C 3 -34.75 3.45 -17.63
CA ASP C 3 -33.78 2.35 -17.90
C ASP C 3 -34.20 0.98 -17.34
N SER C 4 -33.69 0.65 -16.16
CA SER C 4 -33.98 -0.62 -15.48
C SER C 4 -33.22 -0.64 -14.15
N CYS C 5 -33.80 -1.27 -13.11
CA CYS C 5 -33.11 -1.30 -11.83
C CYS C 5 -31.74 -2.02 -11.84
N VAL C 6 -30.74 -1.28 -12.34
CA VAL C 6 -29.35 -1.76 -12.45
C VAL C 6 -28.40 -0.78 -11.75
N LEU C 7 -27.65 -1.26 -10.75
CA LEU C 7 -26.70 -0.41 -10.02
C LEU C 7 -25.26 -0.75 -10.33
N ARG C 8 -24.51 0.28 -10.70
CA ARG C 8 -23.11 0.11 -11.04
C ARG C 8 -22.23 0.66 -9.94
N GLY C 9 -21.02 0.13 -9.85
CA GLY C 9 -20.09 0.62 -8.85
C GLY C 9 -19.16 -0.47 -8.35
N VAL C 10 -18.82 -0.41 -7.08
CA VAL C 10 -17.95 -1.41 -6.49
C VAL C 10 -18.55 -1.83 -5.17
N MET C 11 -18.47 -3.12 -4.88
CA MET C 11 -18.99 -3.64 -3.62
C MET C 11 -17.95 -4.49 -2.91
N ILE C 12 -17.55 -4.09 -1.71
CA ILE C 12 -16.56 -4.88 -0.99
C ILE C 12 -17.08 -5.28 0.39
N ASN C 13 -16.72 -6.48 0.81
CA ASN C 13 -17.12 -7.02 2.12
C ASN C 13 -16.30 -6.35 3.23
N LYS C 14 -16.62 -5.11 3.56
CA LYS C 14 -15.91 -4.38 4.62
C LYS C 14 -16.84 -3.40 5.30
N ASP C 15 -16.42 -2.93 6.46
CA ASP C 15 -17.20 -1.97 7.22
C ASP C 15 -16.22 -0.98 7.78
N VAL C 16 -16.74 0.15 8.26
CA VAL C 16 -15.89 1.19 8.84
C VAL C 16 -15.10 0.63 10.03
N THR C 17 -13.98 1.27 10.37
CA THR C 17 -13.16 0.79 11.48
C THR C 17 -13.77 1.16 12.83
N HIS C 18 -14.30 2.39 12.93
CA HIS C 18 -14.87 2.90 14.17
C HIS C 18 -16.37 3.20 14.02
N PRO C 19 -17.21 2.55 14.84
CA PRO C 19 -18.66 2.71 14.83
C PRO C 19 -19.23 4.11 14.67
N ARG C 20 -18.50 5.12 15.12
CA ARG C 20 -18.98 6.50 15.04
C ARG C 20 -18.79 7.15 13.69
N MET C 21 -18.03 6.48 12.83
CA MET C 21 -17.76 6.98 11.48
C MET C 21 -18.99 6.90 10.57
N ARG C 22 -19.18 7.94 9.77
CA ARG C 22 -20.33 7.98 8.88
C ARG C 22 -20.29 6.75 7.97
N ARG C 23 -21.45 6.19 7.71
CA ARG C 23 -21.54 5.00 6.87
C ARG C 23 -22.21 5.36 5.56
N TYR C 24 -22.71 6.57 5.49
CA TYR C 24 -23.38 7.09 4.30
C TYR C 24 -22.77 8.45 3.95
N ILE C 25 -22.25 8.59 2.73
CA ILE C 25 -21.62 9.83 2.30
C ILE C 25 -21.87 10.10 0.82
N LYS C 26 -22.44 11.27 0.55
CA LYS C 26 -22.75 11.72 -0.79
C LYS C 26 -21.60 12.59 -1.27
N ASN C 27 -21.20 12.41 -2.53
CA ASN C 27 -20.09 13.18 -3.13
C ASN C 27 -18.86 13.04 -2.23
N PRO C 28 -18.46 11.80 -2.02
CA PRO C 28 -17.31 11.59 -1.18
C PRO C 28 -16.01 11.86 -1.89
N ARG C 29 -15.01 12.28 -1.13
CA ARG C 29 -13.68 12.53 -1.63
C ARG C 29 -12.89 11.36 -1.03
N ILE C 30 -12.61 10.36 -1.86
CA ILE C 30 -11.90 9.13 -1.48
C ILE C 30 -10.38 9.19 -1.62
N VAL C 31 -9.68 8.63 -0.64
CA VAL C 31 -8.22 8.59 -0.66
C VAL C 31 -7.76 7.16 -0.45
N LEU C 32 -7.09 6.58 -1.45
CA LEU C 32 -6.63 5.20 -1.36
C LEU C 32 -5.16 5.07 -0.95
N LEU C 33 -4.88 4.13 -0.05
CA LEU C 33 -3.52 3.90 0.40
C LEU C 33 -3.19 2.41 0.33
N ASP C 34 -1.90 2.10 0.29
CA ASP C 34 -1.46 0.70 0.28
C ASP C 34 -0.48 0.47 1.41
N SER C 35 -0.27 1.52 2.20
CA SER C 35 0.63 1.47 3.33
C SER C 35 -0.15 1.32 4.62
N SER C 36 0.57 1.05 5.70
CA SER C 36 -0.05 0.88 6.99
C SER C 36 -0.12 2.17 7.76
N LEU C 37 -1.19 2.35 8.52
CA LEU C 37 -1.32 3.54 9.33
C LEU C 37 -1.13 3.13 10.80
N GLU C 38 0.06 2.63 11.10
CA GLU C 38 0.41 2.19 12.42
C GLU C 38 1.80 2.75 12.77
N TYR C 39 2.29 2.42 13.97
CA TYR C 39 3.61 2.89 14.44
C TYR C 39 4.71 1.86 14.19
N GLU C 65 3.77 9.86 18.94
CA GLU C 65 2.77 10.70 18.26
C GLU C 65 3.12 10.68 16.79
N TYR C 66 3.68 9.55 16.38
CA TYR C 66 4.09 9.29 15.00
C TYR C 66 2.85 9.33 14.11
N ILE C 67 1.80 8.69 14.63
CA ILE C 67 0.51 8.58 13.99
C ILE C 67 -0.05 9.98 13.71
N HIS C 68 0.07 10.88 14.70
CA HIS C 68 -0.48 12.21 14.50
C HIS C 68 -0.12 12.81 13.16
N GLN C 69 1.16 12.90 12.81
CA GLN C 69 1.43 13.51 11.53
C GLN C 69 0.91 12.69 10.35
N LEU C 70 0.96 11.36 10.45
CA LEU C 70 0.43 10.52 9.37
C LEU C 70 -1.00 11.00 9.12
N CYS C 71 -1.77 11.10 10.21
CA CYS C 71 -3.16 11.53 10.11
C CYS C 71 -3.27 12.96 9.62
N GLU C 72 -2.38 13.80 10.11
CA GLU C 72 -2.38 15.20 9.76
C GLU C 72 -2.08 15.43 8.28
N ASP C 73 -1.37 14.47 7.68
CA ASP C 73 -1.06 14.54 6.26
C ASP C 73 -2.32 14.19 5.46
N ILE C 74 -3.04 13.18 5.94
CA ILE C 74 -4.26 12.75 5.29
C ILE C 74 -5.33 13.82 5.38
N ILE C 75 -5.58 14.28 6.59
CA ILE C 75 -6.58 15.31 6.82
C ILE C 75 -6.27 16.55 5.98
N GLN C 76 -5.01 16.71 5.60
CA GLN C 76 -4.58 17.88 4.81
C GLN C 76 -5.39 18.09 3.54
N LEU C 77 -5.65 17.00 2.80
CA LEU C 77 -6.43 17.06 1.57
C LEU C 77 -7.92 17.25 1.83
N LYS C 78 -8.35 16.95 3.05
CA LYS C 78 -9.74 17.08 3.45
C LYS C 78 -10.59 16.00 2.73
N PRO C 79 -10.31 14.72 3.01
CA PRO C 79 -11.02 13.59 2.41
C PRO C 79 -12.20 13.14 3.26
N ASP C 80 -13.14 12.41 2.66
CA ASP C 80 -14.30 11.93 3.41
C ASP C 80 -14.00 10.51 3.87
N VAL C 81 -13.38 9.74 2.97
CA VAL C 81 -13.03 8.37 3.25
C VAL C 81 -11.55 8.11 3.00
N VAL C 82 -10.97 7.24 3.83
CA VAL C 82 -9.57 6.84 3.67
C VAL C 82 -9.60 5.33 3.74
N ILE C 83 -9.19 4.69 2.65
CA ILE C 83 -9.17 3.24 2.57
C ILE C 83 -7.73 2.76 2.37
N THR C 84 -7.34 1.69 3.07
CA THR C 84 -6.00 1.17 2.91
C THR C 84 -5.96 -0.35 2.84
N GLU C 85 -4.90 -0.87 2.23
CA GLU C 85 -4.72 -2.30 2.07
C GLU C 85 -4.19 -2.90 3.37
N LYS C 86 -3.48 -2.07 4.13
CA LYS C 86 -2.88 -2.48 5.39
C LYS C 86 -3.81 -2.17 6.55
N GLY C 87 -3.26 -2.07 7.76
CA GLY C 87 -4.04 -1.80 8.96
C GLY C 87 -4.05 -0.35 9.41
N ILE C 88 -4.92 -0.05 10.37
CA ILE C 88 -5.03 1.29 10.92
C ILE C 88 -5.05 1.22 12.46
N SER C 89 -4.06 1.84 13.09
CA SER C 89 -3.99 1.81 14.55
C SER C 89 -5.21 2.48 15.18
N ASP C 90 -5.47 2.14 16.44
CA ASP C 90 -6.62 2.72 17.14
C ASP C 90 -6.44 4.23 17.27
N LEU C 91 -5.22 4.66 17.49
CA LEU C 91 -4.97 6.08 17.63
C LEU C 91 -5.30 6.76 16.34
N ALA C 92 -4.84 6.19 15.22
CA ALA C 92 -5.11 6.78 13.92
C ALA C 92 -6.61 6.84 13.68
N GLN C 93 -7.34 5.76 14.04
CA GLN C 93 -8.82 5.68 13.88
C GLN C 93 -9.58 6.80 14.54
N HIS C 94 -9.04 7.25 15.67
CA HIS C 94 -9.68 8.33 16.41
C HIS C 94 -9.32 9.66 15.76
N TYR C 95 -8.04 9.87 15.42
CA TYR C 95 -7.67 11.14 14.81
C TYR C 95 -8.51 11.35 13.55
N LEU C 96 -8.58 10.33 12.69
CA LEU C 96 -9.34 10.46 11.45
C LEU C 96 -10.81 10.69 11.77
N MET C 97 -11.30 9.94 12.76
CA MET C 97 -12.68 10.00 13.20
C MET C 97 -13.00 11.40 13.72
N ARG C 98 -12.05 12.01 14.40
CA ARG C 98 -12.27 13.34 14.92
C ARG C 98 -12.41 14.31 13.74
N ALA C 99 -11.73 14.03 12.63
CA ALA C 99 -11.77 14.94 11.48
C ALA C 99 -12.90 14.57 10.55
N ASN C 100 -13.84 13.81 11.10
CA ASN C 100 -15.01 13.37 10.35
C ASN C 100 -14.62 12.61 9.07
N VAL C 101 -13.61 11.77 9.19
CA VAL C 101 -13.11 10.97 8.07
C VAL C 101 -13.39 9.49 8.31
N THR C 102 -14.09 8.85 7.38
CA THR C 102 -14.38 7.43 7.54
C THR C 102 -13.18 6.61 7.08
N ALA C 103 -12.83 5.57 7.83
CA ALA C 103 -11.67 4.75 7.47
C ALA C 103 -11.98 3.27 7.30
N ILE C 104 -11.45 2.67 6.25
CA ILE C 104 -11.64 1.25 6.00
C ILE C 104 -10.27 0.63 5.86
N ARG C 105 -10.04 -0.48 6.56
CA ARG C 105 -8.73 -1.11 6.52
C ARG C 105 -8.70 -2.52 5.98
N ARG C 106 -7.50 -3.00 5.73
CA ARG C 106 -7.33 -4.34 5.24
C ARG C 106 -8.16 -4.64 4.00
N VAL C 107 -8.14 -3.72 3.04
CA VAL C 107 -8.90 -3.93 1.80
C VAL C 107 -8.03 -4.65 0.80
N ARG C 108 -8.65 -5.62 0.11
CA ARG C 108 -7.96 -6.42 -0.87
C ARG C 108 -7.36 -5.55 -1.97
N LYS C 109 -6.20 -5.98 -2.45
CA LYS C 109 -5.47 -5.21 -3.46
C LYS C 109 -6.28 -5.03 -4.73
N THR C 110 -6.93 -6.10 -5.15
CA THR C 110 -7.79 -6.04 -6.32
C THR C 110 -8.93 -5.05 -6.06
N ASP C 111 -9.61 -5.19 -4.92
CA ASP C 111 -10.70 -4.28 -4.61
C ASP C 111 -10.20 -2.85 -4.57
N ASN C 112 -9.06 -2.66 -3.95
CA ASN C 112 -8.50 -1.32 -3.87
C ASN C 112 -8.30 -0.75 -5.27
N ASN C 113 -7.95 -1.61 -6.21
CA ASN C 113 -7.78 -1.20 -7.60
C ASN C 113 -9.13 -0.80 -8.16
N ARG C 114 -10.12 -1.68 -8.04
CA ARG C 114 -11.44 -1.41 -8.57
C ARG C 114 -11.96 -0.07 -8.06
N ILE C 115 -11.76 0.19 -6.78
CA ILE C 115 -12.22 1.45 -6.21
C ILE C 115 -11.49 2.63 -6.86
N ALA C 116 -10.20 2.45 -7.10
CA ALA C 116 -9.40 3.50 -7.72
C ALA C 116 -9.98 3.89 -9.08
N ARG C 117 -10.32 2.89 -9.87
CA ARG C 117 -10.88 3.13 -11.18
C ARG C 117 -12.24 3.79 -11.07
N ALA C 118 -13.06 3.30 -10.16
CA ALA C 118 -14.40 3.81 -9.99
C ALA C 118 -14.51 5.25 -9.54
N CYS C 119 -13.68 5.67 -8.58
CA CYS C 119 -13.77 7.04 -8.11
C CYS C 119 -12.66 7.90 -8.66
N GLY C 120 -11.75 7.26 -9.39
CA GLY C 120 -10.64 8.00 -9.97
C GLY C 120 -9.53 8.42 -9.04
N ALA C 121 -9.37 7.70 -7.94
CA ALA C 121 -8.31 8.03 -7.00
C ALA C 121 -7.06 7.29 -7.45
N ARG C 122 -5.91 7.72 -6.92
CA ARG C 122 -4.61 7.11 -7.22
C ARG C 122 -3.97 6.48 -5.98
N ILE C 123 -4.01 5.15 -5.88
CA ILE C 123 -3.45 4.50 -4.72
C ILE C 123 -2.04 5.03 -4.47
N VAL C 124 -1.79 5.47 -3.24
CA VAL C 124 -0.50 6.03 -2.83
C VAL C 124 0.08 5.24 -1.66
N SER C 125 1.36 5.43 -1.38
CA SER C 125 1.99 4.72 -0.25
C SER C 125 2.12 5.62 0.96
N ARG C 126 2.79 6.75 0.81
CA ARG C 126 2.95 7.62 1.96
C ARG C 126 2.15 8.91 1.88
N PRO C 127 1.13 9.03 2.75
CA PRO C 127 0.24 10.20 2.82
C PRO C 127 0.83 11.57 2.51
N GLU C 128 2.15 11.69 2.55
CA GLU C 128 2.81 12.98 2.29
C GLU C 128 2.99 13.31 0.81
N GLU C 129 2.67 12.32 0.00
CA GLU C 129 2.77 12.48 -1.44
C GLU C 129 1.43 12.89 -2.04
N LEU C 130 0.33 12.59 -1.37
CA LEU C 130 -0.98 12.95 -1.89
C LEU C 130 -1.04 14.34 -2.45
N ARG C 131 -1.63 14.41 -3.64
CA ARG C 131 -1.87 15.67 -4.34
C ARG C 131 -3.35 15.67 -4.53
N GLU C 132 -3.87 16.85 -4.81
CA GLU C 132 -5.28 17.02 -5.08
C GLU C 132 -5.77 16.00 -6.08
N ASP C 133 -5.12 15.95 -7.24
CA ASP C 133 -5.51 15.03 -8.30
C ASP C 133 -5.48 13.57 -7.93
N ASP C 134 -4.88 13.25 -6.78
CA ASP C 134 -4.82 11.88 -6.32
C ASP C 134 -6.15 11.50 -5.73
N VAL C 135 -6.75 12.47 -5.05
CA VAL C 135 -8.04 12.32 -4.40
C VAL C 135 -9.15 12.00 -5.42
N GLY C 136 -9.80 10.85 -5.24
CA GLY C 136 -10.85 10.46 -6.16
C GLY C 136 -12.18 11.12 -5.85
N THR C 137 -12.83 11.64 -6.88
CA THR C 137 -14.12 12.30 -6.71
C THR C 137 -15.12 11.81 -7.75
N GLY C 138 -14.76 10.76 -8.47
CA GLY C 138 -15.65 10.23 -9.50
C GLY C 138 -16.80 9.42 -8.95
N ALA C 139 -16.74 9.14 -7.66
CA ALA C 139 -17.78 8.37 -7.01
C ALA C 139 -18.71 9.37 -6.35
N GLY C 140 -20.00 9.17 -6.55
CA GLY C 140 -20.97 10.09 -5.99
C GLY C 140 -21.68 9.61 -4.75
N LEU C 141 -21.41 8.38 -4.30
CA LEU C 141 -22.09 7.87 -3.12
C LEU C 141 -21.38 6.68 -2.45
N LEU C 142 -21.00 6.86 -1.19
CA LEU C 142 -20.33 5.81 -0.43
C LEU C 142 -21.32 5.37 0.64
N GLU C 143 -21.92 4.20 0.47
CA GLU C 143 -22.88 3.71 1.45
C GLU C 143 -22.52 2.34 1.97
N ILE C 144 -22.34 2.25 3.29
CA ILE C 144 -21.98 0.99 3.92
C ILE C 144 -23.19 0.40 4.61
N LYS C 145 -23.88 -0.49 3.95
CA LYS C 145 -25.08 -1.09 4.54
C LYS C 145 -24.79 -2.49 5.07
N LYS C 146 -25.76 -3.08 5.75
CA LYS C 146 -25.60 -4.43 6.28
C LYS C 146 -26.47 -5.36 5.45
N ILE C 147 -25.91 -6.48 5.03
CA ILE C 147 -26.67 -7.46 4.28
C ILE C 147 -26.38 -8.80 4.93
N GLY C 148 -27.42 -9.51 5.36
CA GLY C 148 -27.18 -10.77 6.04
C GLY C 148 -26.44 -10.48 7.35
N ASP C 149 -25.48 -11.29 7.76
CA ASP C 149 -24.74 -11.08 9.00
C ASP C 149 -23.50 -10.17 8.80
N GLU C 150 -23.21 -9.85 7.55
CA GLU C 150 -22.04 -9.03 7.24
C GLU C 150 -22.35 -7.63 6.75
N TYR C 151 -21.34 -6.78 6.79
CA TYR C 151 -21.49 -5.40 6.33
C TYR C 151 -20.82 -5.33 4.95
N PHE C 152 -21.36 -4.46 4.09
CA PHE C 152 -20.80 -4.28 2.77
C PHE C 152 -20.71 -2.80 2.43
N THR C 153 -19.60 -2.40 1.79
CA THR C 153 -19.38 -1.01 1.39
C THR C 153 -19.72 -0.88 -0.09
N PHE C 154 -20.55 0.10 -0.43
CA PHE C 154 -20.96 0.34 -1.81
C PHE C 154 -20.50 1.69 -2.30
N ILE C 155 -19.69 1.69 -3.36
CA ILE C 155 -19.24 2.94 -3.95
C ILE C 155 -19.91 2.95 -5.30
N THR C 156 -20.87 3.87 -5.46
CA THR C 156 -21.66 3.96 -6.68
C THR C 156 -21.82 5.39 -7.19
N ASP C 157 -22.63 5.51 -8.25
CA ASP C 157 -22.94 6.77 -8.91
C ASP C 157 -21.64 7.41 -9.43
N CYS C 158 -21.09 6.76 -10.46
CA CYS C 158 -19.86 7.14 -11.12
C CYS C 158 -20.02 8.22 -12.19
N LYS C 159 -19.20 9.27 -12.13
CA LYS C 159 -19.26 10.35 -13.11
C LYS C 159 -18.95 9.86 -14.53
N ASP C 160 -18.53 8.60 -14.65
CA ASP C 160 -18.21 7.98 -15.94
C ASP C 160 -18.75 6.57 -15.92
N PRO C 161 -20.05 6.43 -16.11
CA PRO C 161 -20.73 5.13 -16.10
C PRO C 161 -19.90 3.99 -16.71
N LYS C 162 -19.18 4.29 -17.79
CA LYS C 162 -18.36 3.27 -18.45
C LYS C 162 -17.38 2.58 -17.50
N ALA C 163 -16.77 3.38 -16.63
CA ALA C 163 -15.79 2.90 -15.67
C ALA C 163 -16.28 1.77 -14.77
N CYS C 164 -17.28 2.09 -13.97
CA CYS C 164 -17.86 1.16 -13.02
C CYS C 164 -18.62 0.02 -13.62
N THR C 165 -18.55 -1.13 -12.97
CA THR C 165 -19.24 -2.31 -13.47
C THR C 165 -20.62 -2.40 -12.87
N ILE C 166 -21.48 -3.20 -13.49
CA ILE C 166 -22.85 -3.37 -13.02
C ILE C 166 -22.88 -4.24 -11.76
N LEU C 167 -23.67 -3.87 -10.77
CA LEU C 167 -23.76 -4.69 -9.57
C LEU C 167 -25.06 -5.51 -9.59
N VAL D 6 -35.47 -1.49 -6.71
CA VAL D 6 -35.09 -2.03 -5.36
C VAL D 6 -35.21 -3.55 -5.38
N LEU D 7 -34.18 -4.25 -4.91
CA LEU D 7 -34.20 -5.72 -4.87
C LEU D 7 -34.19 -6.17 -3.41
N ARG D 8 -35.04 -7.14 -3.09
CA ARG D 8 -35.13 -7.71 -1.74
C ARG D 8 -34.88 -9.21 -1.86
N GLY D 9 -34.52 -9.86 -0.75
CA GLY D 9 -34.19 -11.28 -0.81
C GLY D 9 -33.08 -11.63 0.15
N VAL D 10 -32.23 -12.57 -0.25
CA VAL D 10 -31.13 -12.98 0.59
C VAL D 10 -29.87 -13.03 -0.26
N MET D 11 -28.75 -12.60 0.30
CA MET D 11 -27.48 -12.62 -0.42
C MET D 11 -26.41 -13.29 0.41
N ILE D 12 -25.86 -14.39 -0.08
CA ILE D 12 -24.81 -15.05 0.66
C ILE D 12 -23.53 -15.20 -0.16
N ASN D 13 -22.41 -15.07 0.53
CA ASN D 13 -21.10 -15.19 -0.10
C ASN D 13 -20.80 -16.67 -0.40
N LYS D 14 -21.45 -17.23 -1.41
CA LYS D 14 -21.21 -18.62 -1.78
C LYS D 14 -21.41 -18.82 -3.28
N ASP D 15 -20.90 -19.93 -3.81
CA ASP D 15 -21.02 -20.26 -5.22
C ASP D 15 -21.34 -21.74 -5.30
N VAL D 16 -21.78 -22.19 -6.46
CA VAL D 16 -22.12 -23.59 -6.66
C VAL D 16 -20.90 -24.47 -6.39
N THR D 17 -21.13 -25.75 -6.07
CA THR D 17 -20.03 -26.67 -5.79
C THR D 17 -19.32 -27.07 -7.07
N HIS D 18 -20.05 -27.11 -8.18
CA HIS D 18 -19.39 -27.40 -9.44
C HIS D 18 -19.70 -26.34 -10.49
N PRO D 19 -18.68 -25.89 -11.24
CA PRO D 19 -18.80 -24.86 -12.29
C PRO D 19 -19.85 -25.13 -13.36
N ARG D 20 -20.18 -26.40 -13.57
CA ARG D 20 -21.22 -26.70 -14.56
C ARG D 20 -22.60 -26.30 -14.00
N MET D 21 -23.00 -26.79 -12.82
CA MET D 21 -24.31 -26.52 -12.21
C MET D 21 -24.88 -25.14 -12.58
N ARG D 22 -26.20 -25.07 -12.68
CA ARG D 22 -26.87 -23.83 -13.04
C ARG D 22 -26.63 -22.66 -12.08
N ARG D 23 -26.24 -21.51 -12.62
CA ARG D 23 -25.99 -20.32 -11.83
C ARG D 23 -27.20 -19.40 -11.85
N TYR D 24 -28.18 -19.77 -12.64
CA TYR D 24 -29.37 -18.97 -12.79
C TYR D 24 -30.58 -19.89 -12.87
N ILE D 25 -31.56 -19.69 -11.99
CA ILE D 25 -32.76 -20.52 -11.95
C ILE D 25 -33.98 -19.71 -11.55
N LYS D 26 -35.03 -19.75 -12.38
CA LYS D 26 -36.25 -19.02 -12.09
C LYS D 26 -37.21 -19.96 -11.37
N ASN D 27 -38.00 -19.40 -10.47
CA ASN D 27 -38.96 -20.17 -9.70
C ASN D 27 -38.23 -21.45 -9.21
N PRO D 28 -37.20 -21.28 -8.34
CA PRO D 28 -36.42 -22.40 -7.81
C PRO D 28 -37.16 -23.25 -6.78
N ARG D 29 -36.82 -24.52 -6.77
CA ARG D 29 -37.36 -25.49 -5.84
C ARG D 29 -36.20 -25.70 -4.87
N ILE D 30 -36.21 -24.96 -3.77
CA ILE D 30 -35.11 -25.03 -2.82
C ILE D 30 -35.29 -26.05 -1.70
N VAL D 31 -34.20 -26.76 -1.39
CA VAL D 31 -34.22 -27.75 -0.32
C VAL D 31 -33.07 -27.46 0.64
N LEU D 32 -33.39 -27.13 1.88
CA LEU D 32 -32.36 -26.82 2.88
C LEU D 32 -32.00 -27.99 3.78
N LEU D 33 -30.70 -28.17 4.03
CA LEU D 33 -30.23 -29.25 4.90
C LEU D 33 -29.25 -28.71 5.93
N ASP D 34 -29.07 -29.44 7.04
CA ASP D 34 -28.11 -29.05 8.08
C ASP D 34 -27.16 -30.20 8.33
N SER D 35 -27.36 -31.26 7.55
CA SER D 35 -26.54 -32.44 7.67
C SER D 35 -25.50 -32.48 6.57
N SER D 36 -24.56 -33.41 6.71
CA SER D 36 -23.51 -33.54 5.72
C SER D 36 -23.88 -34.55 4.64
N LEU D 37 -23.41 -34.31 3.41
CA LEU D 37 -23.70 -35.20 2.29
C LEU D 37 -22.45 -36.01 1.95
N GLU D 38 -21.84 -36.59 2.97
CA GLU D 38 -20.64 -37.40 2.80
C GLU D 38 -20.83 -38.80 3.38
N TYR D 39 -19.76 -39.58 3.43
CA TYR D 39 -19.84 -40.93 3.96
C TYR D 39 -19.27 -40.97 5.37
N ILE D 59 -14.07 -54.44 -1.30
CA ILE D 59 -14.19 -53.06 -1.78
C ILE D 59 -15.27 -52.24 -1.05
N LEU D 60 -15.12 -50.92 -1.12
CA LEU D 60 -16.04 -49.98 -0.50
C LEU D 60 -17.16 -49.61 -1.48
N GLN D 61 -18.02 -50.58 -1.76
CA GLN D 61 -19.15 -50.40 -2.66
C GLN D 61 -20.35 -49.89 -1.88
N MET D 62 -20.24 -49.95 -0.55
CA MET D 62 -21.29 -49.50 0.37
C MET D 62 -21.42 -47.98 0.36
N GLU D 63 -20.38 -47.31 -0.14
CA GLU D 63 -20.33 -45.85 -0.23
C GLU D 63 -21.11 -45.37 -1.45
N GLU D 64 -20.77 -45.90 -2.62
CA GLU D 64 -21.43 -45.53 -3.86
C GLU D 64 -22.94 -45.66 -3.66
N GLU D 65 -23.32 -46.66 -2.87
CA GLU D 65 -24.72 -46.93 -2.57
C GLU D 65 -25.28 -45.97 -1.51
N TYR D 66 -24.56 -45.83 -0.39
CA TYR D 66 -24.99 -44.94 0.68
C TYR D 66 -25.24 -43.54 0.15
N ILE D 67 -24.23 -42.99 -0.51
CA ILE D 67 -24.33 -41.66 -1.08
C ILE D 67 -25.47 -41.60 -2.09
N HIS D 68 -25.63 -42.67 -2.84
CA HIS D 68 -26.69 -42.78 -3.82
C HIS D 68 -28.03 -42.61 -3.12
N GLN D 69 -28.20 -43.35 -2.02
CA GLN D 69 -29.43 -43.30 -1.25
C GLN D 69 -29.74 -41.89 -0.77
N LEU D 70 -28.73 -41.21 -0.25
CA LEU D 70 -28.93 -39.85 0.24
C LEU D 70 -29.44 -38.96 -0.88
N CYS D 71 -28.79 -39.06 -2.02
CA CYS D 71 -29.17 -38.25 -3.16
C CYS D 71 -30.54 -38.58 -3.67
N GLU D 72 -30.82 -39.88 -3.75
CA GLU D 72 -32.12 -40.27 -4.23
C GLU D 72 -33.21 -39.67 -3.36
N ASP D 73 -33.01 -39.67 -2.04
CA ASP D 73 -34.00 -39.09 -1.13
C ASP D 73 -34.23 -37.61 -1.42
N ILE D 74 -33.17 -36.91 -1.80
CA ILE D 74 -33.25 -35.49 -2.13
C ILE D 74 -33.99 -35.30 -3.46
N ILE D 75 -33.52 -36.03 -4.47
CA ILE D 75 -34.10 -35.95 -5.80
C ILE D 75 -35.59 -36.31 -5.78
N GLN D 76 -35.97 -37.25 -4.92
CA GLN D 76 -37.36 -37.67 -4.84
C GLN D 76 -38.35 -36.51 -4.65
N LEU D 77 -37.83 -35.30 -4.40
CA LEU D 77 -38.68 -34.12 -4.26
C LEU D 77 -38.34 -33.18 -5.40
N LYS D 78 -37.69 -33.74 -6.42
CA LYS D 78 -37.31 -33.00 -7.58
C LYS D 78 -37.07 -31.53 -7.24
N PRO D 79 -35.89 -31.23 -6.68
CA PRO D 79 -35.52 -29.85 -6.32
C PRO D 79 -34.58 -29.24 -7.35
N ASP D 80 -34.47 -27.92 -7.37
CA ASP D 80 -33.59 -27.27 -8.32
C ASP D 80 -32.26 -27.00 -7.61
N VAL D 81 -32.37 -26.59 -6.35
CA VAL D 81 -31.20 -26.28 -5.53
C VAL D 81 -31.22 -27.06 -4.22
N VAL D 82 -30.04 -27.47 -3.77
CA VAL D 82 -29.89 -28.16 -2.50
C VAL D 82 -28.78 -27.42 -1.78
N ILE D 83 -29.11 -26.82 -0.65
CA ILE D 83 -28.14 -26.08 0.15
C ILE D 83 -27.96 -26.74 1.51
N THR D 84 -26.73 -26.85 1.99
CA THR D 84 -26.49 -27.44 3.29
C THR D 84 -25.47 -26.67 4.11
N GLU D 85 -25.58 -26.84 5.43
CA GLU D 85 -24.66 -26.18 6.36
C GLU D 85 -23.33 -26.91 6.42
N LYS D 86 -23.35 -28.22 6.18
CA LYS D 86 -22.14 -29.03 6.21
C LYS D 86 -21.53 -29.15 4.81
N GLY D 87 -20.82 -30.24 4.54
CA GLY D 87 -20.16 -30.44 3.26
C GLY D 87 -20.86 -31.39 2.31
N ILE D 88 -20.37 -31.43 1.08
CA ILE D 88 -20.93 -32.30 0.04
C ILE D 88 -19.79 -33.04 -0.67
N SER D 89 -19.79 -34.36 -0.59
CA SER D 89 -18.74 -35.15 -1.22
C SER D 89 -18.74 -34.94 -2.74
N ASP D 90 -17.62 -35.23 -3.38
CA ASP D 90 -17.52 -35.08 -4.82
C ASP D 90 -18.50 -36.02 -5.52
N LEU D 91 -18.64 -37.22 -4.97
CA LEU D 91 -19.54 -38.17 -5.57
C LEU D 91 -20.96 -37.62 -5.53
N ALA D 92 -21.34 -37.09 -4.38
CA ALA D 92 -22.67 -36.52 -4.23
C ALA D 92 -22.86 -35.39 -5.22
N GLN D 93 -21.85 -34.53 -5.34
CA GLN D 93 -21.92 -33.39 -6.25
C GLN D 93 -22.22 -33.85 -7.67
N HIS D 94 -21.68 -35.01 -8.02
CA HIS D 94 -21.89 -35.54 -9.35
C HIS D 94 -23.31 -35.94 -9.54
N TYR D 95 -23.76 -36.77 -8.61
CA TYR D 95 -25.10 -37.33 -8.69
C TYR D 95 -26.13 -36.21 -8.77
N LEU D 96 -25.99 -35.22 -7.89
CA LEU D 96 -26.94 -34.12 -7.91
C LEU D 96 -26.85 -33.38 -9.23
N MET D 97 -25.64 -33.14 -9.67
CA MET D 97 -25.37 -32.45 -10.90
C MET D 97 -25.97 -33.18 -12.10
N ARG D 98 -25.98 -34.51 -12.05
CA ARG D 98 -26.53 -35.30 -13.13
C ARG D 98 -28.03 -35.11 -13.15
N ALA D 99 -28.59 -34.83 -11.99
CA ALA D 99 -30.03 -34.68 -11.92
C ALA D 99 -30.41 -33.21 -12.09
N ASN D 100 -29.50 -32.44 -12.64
CA ASN D 100 -29.72 -31.02 -12.88
C ASN D 100 -30.09 -30.26 -11.60
N VAL D 101 -29.39 -30.61 -10.54
CA VAL D 101 -29.63 -30.00 -9.23
C VAL D 101 -28.41 -29.20 -8.81
N THR D 102 -28.60 -27.92 -8.54
CA THR D 102 -27.48 -27.08 -8.10
C THR D 102 -27.25 -27.28 -6.60
N ALA D 103 -25.99 -27.40 -6.19
CA ALA D 103 -25.68 -27.61 -4.78
C ALA D 103 -24.75 -26.57 -4.18
N ILE D 104 -25.09 -26.09 -2.98
CA ILE D 104 -24.26 -25.11 -2.28
C ILE D 104 -23.95 -25.71 -0.92
N ARG D 105 -22.68 -25.67 -0.51
CA ARG D 105 -22.29 -26.27 0.77
C ARG D 105 -21.68 -25.30 1.76
N ARG D 106 -21.56 -25.75 3.01
CA ARG D 106 -20.97 -24.95 4.07
C ARG D 106 -21.61 -23.58 4.23
N VAL D 107 -22.93 -23.55 4.17
CA VAL D 107 -23.63 -22.31 4.32
C VAL D 107 -23.82 -22.06 5.80
N ARG D 108 -23.57 -20.84 6.24
CA ARG D 108 -23.72 -20.49 7.64
C ARG D 108 -25.16 -20.63 8.13
N LYS D 109 -25.32 -21.25 9.30
CA LYS D 109 -26.63 -21.45 9.92
C LYS D 109 -27.47 -20.19 9.81
N THR D 110 -26.91 -19.04 10.18
CA THR D 110 -27.74 -17.86 10.09
C THR D 110 -28.25 -17.68 8.66
N ASP D 111 -27.34 -17.72 7.69
CA ASP D 111 -27.75 -17.57 6.29
C ASP D 111 -28.75 -18.65 5.92
N ASN D 112 -28.46 -19.87 6.33
CA ASN D 112 -29.36 -20.96 6.03
C ASN D 112 -30.76 -20.66 6.57
N ASN D 113 -30.83 -20.00 7.71
CA ASN D 113 -32.13 -19.65 8.27
C ASN D 113 -32.77 -18.56 7.40
N ARG D 114 -32.01 -17.51 7.09
CA ARG D 114 -32.56 -16.45 6.26
C ARG D 114 -33.16 -17.00 4.98
N ILE D 115 -32.45 -17.95 4.37
CA ILE D 115 -32.92 -18.55 3.13
C ILE D 115 -34.22 -19.31 3.38
N ALA D 116 -34.28 -19.99 4.52
CA ALA D 116 -35.48 -20.76 4.88
C ALA D 116 -36.71 -19.84 4.92
N ARG D 117 -36.56 -18.69 5.58
CA ARG D 117 -37.64 -17.70 5.72
C ARG D 117 -38.01 -17.06 4.39
N ALA D 118 -37.00 -16.85 3.54
CA ALA D 118 -37.23 -16.24 2.24
C ALA D 118 -37.94 -17.12 1.23
N CYS D 119 -37.56 -18.40 1.14
CA CYS D 119 -38.21 -19.26 0.16
C CYS D 119 -39.22 -20.19 0.80
N GLY D 120 -39.31 -20.13 2.13
CA GLY D 120 -40.26 -20.96 2.83
C GLY D 120 -39.90 -22.42 2.98
N ALA D 121 -38.62 -22.75 2.89
CA ALA D 121 -38.21 -24.14 3.04
C ALA D 121 -38.01 -24.41 4.53
N ARG D 122 -37.88 -25.68 4.86
CA ARG D 122 -37.68 -26.04 6.24
C ARG D 122 -36.40 -26.82 6.29
N ILE D 123 -35.44 -26.29 7.03
CA ILE D 123 -34.16 -26.96 7.17
C ILE D 123 -34.38 -28.33 7.79
N VAL D 124 -33.83 -29.35 7.14
CA VAL D 124 -33.96 -30.73 7.58
C VAL D 124 -32.58 -31.35 7.82
N SER D 125 -32.52 -32.49 8.51
CA SER D 125 -31.25 -33.15 8.75
C SER D 125 -31.01 -34.33 7.84
N ARG D 126 -31.77 -35.40 8.05
CA ARG D 126 -31.63 -36.58 7.22
C ARG D 126 -32.73 -36.57 6.18
N PRO D 127 -32.34 -36.63 4.89
CA PRO D 127 -33.23 -36.62 3.72
C PRO D 127 -34.47 -37.51 3.81
N GLU D 128 -34.41 -38.54 4.63
CA GLU D 128 -35.54 -39.46 4.81
C GLU D 128 -36.76 -38.73 5.33
N GLU D 129 -36.57 -37.87 6.32
CA GLU D 129 -37.66 -37.11 6.94
C GLU D 129 -38.14 -35.95 6.07
N LEU D 130 -37.65 -35.91 4.83
CA LEU D 130 -38.02 -34.86 3.87
C LEU D 130 -39.40 -35.07 3.26
N ARG D 131 -40.14 -33.97 3.16
CA ARG D 131 -41.49 -33.97 2.61
C ARG D 131 -41.71 -32.67 1.84
N GLU D 132 -42.61 -32.72 0.86
CA GLU D 132 -42.92 -31.56 0.04
C GLU D 132 -43.00 -30.26 0.85
N ASP D 133 -43.57 -30.34 2.05
CA ASP D 133 -43.72 -29.16 2.89
C ASP D 133 -42.38 -28.50 3.26
N ASP D 134 -41.35 -29.33 3.41
CA ASP D 134 -40.03 -28.85 3.78
C ASP D 134 -39.36 -28.12 2.63
N VAL D 135 -39.85 -28.38 1.41
CA VAL D 135 -39.32 -27.75 0.23
C VAL D 135 -39.83 -26.32 0.10
N GLY D 136 -38.94 -25.40 -0.30
CA GLY D 136 -39.31 -24.00 -0.41
C GLY D 136 -39.54 -23.57 -1.84
N THR D 137 -40.63 -22.85 -2.05
CA THR D 137 -40.95 -22.36 -3.39
C THR D 137 -41.32 -20.88 -3.34
N GLY D 138 -41.09 -20.23 -2.21
CA GLY D 138 -41.44 -18.82 -2.07
C GLY D 138 -40.45 -17.90 -2.78
N ALA D 139 -39.34 -18.47 -3.21
CA ALA D 139 -38.33 -17.68 -3.90
C ALA D 139 -38.57 -17.88 -5.38
N GLY D 140 -38.55 -16.77 -6.12
CA GLY D 140 -38.79 -16.85 -7.53
C GLY D 140 -37.56 -16.75 -8.42
N LEU D 141 -36.39 -16.55 -7.83
CA LEU D 141 -35.18 -16.44 -8.64
C LEU D 141 -33.89 -16.69 -7.87
N LEU D 142 -33.12 -17.69 -8.30
CA LEU D 142 -31.85 -18.02 -7.68
C LEU D 142 -30.77 -17.67 -8.68
N GLU D 143 -30.05 -16.58 -8.45
CA GLU D 143 -29.00 -16.17 -9.37
C GLU D 143 -27.66 -16.01 -8.69
N ILE D 144 -26.68 -16.77 -9.16
CA ILE D 144 -25.35 -16.71 -8.58
C ILE D 144 -24.40 -15.93 -9.48
N LYS D 145 -24.21 -14.62 -9.24
CA LYS D 145 -23.26 -13.85 -10.06
C LYS D 145 -21.95 -13.64 -9.30
N LYS D 146 -20.94 -13.12 -10.00
CA LYS D 146 -19.64 -12.85 -9.39
C LYS D 146 -19.39 -11.37 -9.38
N ILE D 147 -19.23 -10.83 -8.18
CA ILE D 147 -19.03 -9.42 -7.90
C ILE D 147 -17.62 -9.29 -7.34
N GLY D 148 -16.80 -8.44 -7.94
CA GLY D 148 -15.42 -8.32 -7.49
C GLY D 148 -14.73 -9.65 -7.72
N ASP D 149 -13.97 -10.11 -6.71
CA ASP D 149 -13.24 -11.37 -6.84
C ASP D 149 -14.04 -12.57 -6.32
N GLU D 150 -15.17 -12.30 -5.67
CA GLU D 150 -15.97 -13.37 -5.09
C GLU D 150 -17.31 -13.59 -5.79
N TYR D 151 -17.90 -14.75 -5.52
CA TYR D 151 -19.20 -15.09 -6.07
C TYR D 151 -20.24 -14.89 -4.98
N PHE D 152 -21.44 -14.50 -5.37
CA PHE D 152 -22.52 -14.30 -4.43
C PHE D 152 -23.78 -14.93 -4.96
N THR D 153 -24.49 -15.60 -4.10
CA THR D 153 -25.73 -16.24 -4.48
C THR D 153 -26.85 -15.29 -4.08
N PHE D 154 -27.79 -15.04 -5.00
CA PHE D 154 -28.92 -14.15 -4.73
C PHE D 154 -30.25 -14.89 -4.82
N ILE D 155 -31.00 -14.92 -3.74
CA ILE D 155 -32.30 -15.55 -3.75
C ILE D 155 -33.25 -14.39 -3.57
N THR D 156 -34.01 -14.09 -4.63
CA THR D 156 -34.91 -12.96 -4.65
C THR D 156 -36.29 -13.30 -5.21
N ASP D 157 -37.14 -12.28 -5.28
CA ASP D 157 -38.51 -12.43 -5.77
C ASP D 157 -39.25 -13.20 -4.70
N CYS D 158 -39.44 -12.55 -3.56
CA CYS D 158 -40.11 -13.17 -2.43
C CYS D 158 -41.63 -13.03 -2.46
N LYS D 159 -42.28 -14.17 -2.25
CA LYS D 159 -43.73 -14.25 -2.18
C LYS D 159 -44.15 -13.89 -0.75
N ASP D 160 -43.49 -12.88 -0.18
CA ASP D 160 -43.74 -12.36 1.16
C ASP D 160 -42.70 -11.30 1.45
N PRO D 161 -42.95 -10.10 0.94
CA PRO D 161 -42.05 -8.97 1.12
C PRO D 161 -41.62 -8.76 2.58
N LYS D 162 -42.46 -9.17 3.52
CA LYS D 162 -42.18 -9.02 4.96
C LYS D 162 -41.21 -10.08 5.51
N ALA D 163 -40.74 -10.96 4.61
CA ALA D 163 -39.84 -12.05 4.94
C ALA D 163 -38.42 -11.80 4.41
N CYS D 164 -38.30 -10.99 3.37
CA CYS D 164 -36.99 -10.69 2.79
C CYS D 164 -36.55 -9.27 3.08
N THR D 165 -35.26 -9.09 3.35
CA THR D 165 -34.74 -7.76 3.64
C THR D 165 -34.28 -7.06 2.37
N ILE D 166 -34.08 -5.75 2.45
CA ILE D 166 -33.63 -4.99 1.30
C ILE D 166 -32.15 -5.23 1.03
N LEU D 167 -31.82 -5.31 -0.27
CA LEU D 167 -30.48 -5.54 -0.74
C LEU D 167 -29.84 -4.28 -1.32
N LEU D 168 -30.14 -3.99 -2.57
CA LEU D 168 -29.55 -2.82 -3.20
C LEU D 168 -30.58 -1.91 -3.89
N ARG D 169 -30.11 -0.76 -4.37
CA ARG D 169 -30.94 0.22 -5.06
C ARG D 169 -32.29 0.42 -4.38
N GLY D 170 -32.29 0.36 -3.05
CA GLY D 170 -33.53 0.55 -2.31
C GLY D 170 -33.59 1.92 -1.66
N ARG E 8 -12.62 -23.60 28.34
CA ARG E 8 -12.97 -24.92 28.92
C ARG E 8 -12.73 -24.95 30.42
N GLY E 9 -13.77 -25.33 31.16
CA GLY E 9 -13.67 -25.37 32.60
C GLY E 9 -15.02 -25.25 33.25
N VAL E 10 -15.05 -24.57 34.40
CA VAL E 10 -16.30 -24.38 35.12
C VAL E 10 -16.37 -22.92 35.55
N MET E 11 -17.56 -22.34 35.46
CA MET E 11 -17.75 -20.96 35.86
C MET E 11 -18.93 -20.83 36.81
N ILE E 12 -18.69 -20.37 38.03
CA ILE E 12 -19.78 -20.22 38.97
C ILE E 12 -19.86 -18.79 39.49
N ASN E 13 -21.07 -18.33 39.70
CA ASN E 13 -21.33 -17.00 40.20
C ASN E 13 -21.02 -16.92 41.69
N LYS E 14 -19.73 -16.91 42.05
CA LYS E 14 -19.35 -16.83 43.46
C LYS E 14 -18.03 -16.09 43.61
N ASP E 15 -17.74 -15.66 44.82
CA ASP E 15 -16.51 -14.94 45.12
C ASP E 15 -15.99 -15.48 46.43
N VAL E 16 -14.73 -15.20 46.73
CA VAL E 16 -14.12 -15.65 47.97
C VAL E 16 -14.91 -15.12 49.17
N THR E 17 -14.79 -15.79 50.31
CA THR E 17 -15.50 -15.35 51.51
C THR E 17 -14.83 -14.13 52.14
N HIS E 18 -13.50 -14.08 52.10
CA HIS E 18 -12.73 -12.98 52.70
C HIS E 18 -11.86 -12.31 51.64
N PRO E 19 -11.89 -10.97 51.57
CA PRO E 19 -11.14 -10.12 50.62
C PRO E 19 -9.68 -10.55 50.42
N ARG E 20 -8.92 -10.50 51.50
CA ARG E 20 -7.53 -10.89 51.45
C ARG E 20 -7.29 -12.23 50.75
N MET E 21 -8.22 -13.20 50.80
CA MET E 21 -7.96 -14.49 50.15
C MET E 21 -7.57 -14.36 48.68
N ARG E 22 -6.73 -15.28 48.21
CA ARG E 22 -6.26 -15.29 46.84
C ARG E 22 -7.36 -15.48 45.81
N ARG E 23 -7.43 -14.56 44.85
CA ARG E 23 -8.42 -14.60 43.78
C ARG E 23 -7.81 -15.21 42.52
N TYR E 24 -6.51 -15.51 42.58
CA TYR E 24 -5.83 -16.11 41.44
C TYR E 24 -4.86 -17.17 41.97
N ILE E 25 -5.02 -18.41 41.48
CA ILE E 25 -4.17 -19.52 41.92
C ILE E 25 -3.90 -20.51 40.79
N LYS E 26 -2.63 -20.77 40.53
CA LYS E 26 -2.20 -21.71 39.49
C LYS E 26 -2.12 -23.15 40.02
N ASN E 27 -2.55 -24.12 39.23
CA ASN E 27 -2.55 -25.54 39.64
C ASN E 27 -2.89 -25.68 41.12
N PRO E 28 -4.09 -25.24 41.51
CA PRO E 28 -4.53 -25.31 42.91
C PRO E 28 -4.85 -26.71 43.43
N ARG E 29 -4.92 -26.80 44.75
CA ARG E 29 -5.28 -28.03 45.43
C ARG E 29 -6.72 -27.76 45.86
N ILE E 30 -7.69 -28.26 45.09
CA ILE E 30 -9.07 -28.05 45.45
C ILE E 30 -9.66 -29.12 46.37
N VAL E 31 -10.42 -28.68 47.37
CA VAL E 31 -11.06 -29.58 48.31
C VAL E 31 -12.56 -29.26 48.37
N LEU E 32 -13.40 -30.20 47.94
CA LEU E 32 -14.84 -29.99 47.95
C LEU E 32 -15.56 -30.56 49.17
N LEU E 33 -16.48 -29.80 49.72
CA LEU E 33 -17.25 -30.25 50.88
C LEU E 33 -18.75 -30.02 50.66
N ASP E 34 -19.58 -30.76 51.38
CA ASP E 34 -21.03 -30.58 51.28
C ASP E 34 -21.59 -30.32 52.67
N SER E 35 -20.69 -30.23 53.64
CA SER E 35 -21.06 -29.98 55.02
C SER E 35 -20.81 -28.54 55.38
N SER E 36 -21.31 -28.14 56.54
CA SER E 36 -21.15 -26.77 56.98
C SER E 36 -19.91 -26.61 57.85
N LEU E 37 -19.30 -25.43 57.76
CA LEU E 37 -18.13 -25.13 58.56
C LEU E 37 -18.53 -23.99 59.50
N GLU E 38 -19.77 -24.03 59.99
CA GLU E 38 -20.24 -23.01 60.93
C GLU E 38 -20.62 -23.72 62.21
N TYR E 39 -20.57 -25.04 62.16
CA TYR E 39 -20.89 -25.89 63.30
C TYR E 39 -20.75 -27.36 62.91
N GLU E 65 -15.47 -21.82 70.26
CA GLU E 65 -14.10 -21.99 69.80
C GLU E 65 -13.82 -23.46 69.50
N TYR E 66 -14.70 -24.08 68.72
CA TYR E 66 -14.54 -25.50 68.36
C TYR E 66 -14.33 -25.67 66.86
N ILE E 67 -14.66 -24.63 66.10
CA ILE E 67 -14.52 -24.64 64.64
C ILE E 67 -13.07 -24.88 64.22
N HIS E 68 -12.16 -24.64 65.15
CA HIS E 68 -10.71 -24.81 64.96
C HIS E 68 -10.42 -26.20 64.44
N GLN E 69 -10.98 -27.21 65.11
CA GLN E 69 -10.80 -28.61 64.76
C GLN E 69 -11.13 -28.88 63.29
N LEU E 70 -12.28 -28.36 62.87
CA LEU E 70 -12.77 -28.53 61.51
C LEU E 70 -11.76 -27.95 60.51
N CYS E 71 -11.32 -26.73 60.78
CA CYS E 71 -10.35 -26.05 59.92
C CYS E 71 -9.02 -26.79 59.88
N GLU E 72 -8.55 -27.23 61.04
CA GLU E 72 -7.29 -27.94 61.12
C GLU E 72 -7.34 -29.22 60.25
N ASP E 73 -8.49 -29.88 60.22
CA ASP E 73 -8.62 -31.08 59.43
C ASP E 73 -8.46 -30.74 57.95
N ILE E 74 -9.01 -29.59 57.56
CA ILE E 74 -8.95 -29.15 56.17
C ILE E 74 -7.51 -28.76 55.83
N ILE E 75 -6.94 -27.88 56.66
CA ILE E 75 -5.58 -27.39 56.48
C ILE E 75 -4.58 -28.54 56.43
N GLN E 76 -4.80 -29.54 57.29
CA GLN E 76 -3.90 -30.70 57.35
C GLN E 76 -3.84 -31.45 56.02
N LEU E 77 -4.49 -30.91 54.99
CA LEU E 77 -4.50 -31.50 53.66
C LEU E 77 -3.69 -30.63 52.69
N LYS E 78 -3.24 -29.47 53.18
CA LYS E 78 -2.47 -28.51 52.39
C LYS E 78 -3.19 -28.14 51.08
N PRO E 79 -4.46 -27.68 51.18
CA PRO E 79 -5.22 -27.30 49.97
C PRO E 79 -5.09 -25.80 49.68
N ASP E 80 -5.38 -25.41 48.45
CA ASP E 80 -5.30 -23.99 48.09
C ASP E 80 -6.70 -23.39 48.22
N VAL E 81 -7.69 -24.16 47.79
CA VAL E 81 -9.08 -23.74 47.84
C VAL E 81 -9.94 -24.75 48.57
N VAL E 82 -10.94 -24.26 49.30
CA VAL E 82 -11.88 -25.10 49.99
C VAL E 82 -13.25 -24.55 49.63
N ILE E 83 -14.04 -25.37 48.95
CA ILE E 83 -15.37 -24.97 48.52
C ILE E 83 -16.42 -25.85 49.20
N THR E 84 -17.52 -25.25 49.65
CA THR E 84 -18.57 -26.04 50.29
C THR E 84 -19.96 -25.61 49.84
N GLU E 85 -20.90 -26.55 49.96
CA GLU E 85 -22.28 -26.29 49.60
C GLU E 85 -22.99 -25.51 50.69
N LYS E 86 -22.48 -25.62 51.91
CA LYS E 86 -23.09 -24.94 53.03
C LYS E 86 -22.35 -23.67 53.37
N GLY E 87 -22.44 -23.24 54.62
CA GLY E 87 -21.80 -22.00 55.03
C GLY E 87 -20.47 -22.15 55.73
N ILE E 88 -19.79 -21.03 55.93
CA ILE E 88 -18.49 -21.01 56.60
C ILE E 88 -18.49 -19.88 57.64
N SER E 89 -18.31 -20.25 58.91
CA SER E 89 -18.31 -19.24 59.98
C SER E 89 -17.16 -18.26 59.79
N ASP E 90 -17.29 -17.09 60.40
CA ASP E 90 -16.25 -16.08 60.30
C ASP E 90 -14.95 -16.58 60.92
N LEU E 91 -15.06 -17.32 62.01
CA LEU E 91 -13.89 -17.84 62.66
C LEU E 91 -13.17 -18.79 61.70
N ALA E 92 -13.94 -19.67 61.07
CA ALA E 92 -13.36 -20.63 60.14
C ALA E 92 -12.67 -19.87 59.01
N GLN E 93 -13.35 -18.83 58.55
CA GLN E 93 -12.85 -17.97 57.49
C GLN E 93 -11.54 -17.30 57.90
N HIS E 94 -11.32 -17.15 59.22
CA HIS E 94 -10.10 -16.52 59.74
C HIS E 94 -8.94 -17.48 59.91
N TYR E 95 -9.27 -18.75 60.09
CA TYR E 95 -8.30 -19.81 60.24
C TYR E 95 -7.81 -20.26 58.87
N LEU E 96 -8.74 -20.49 57.94
CA LEU E 96 -8.36 -20.92 56.61
C LEU E 96 -7.52 -19.85 55.93
N MET E 97 -7.94 -18.61 56.10
CA MET E 97 -7.27 -17.47 55.52
C MET E 97 -5.86 -17.34 56.06
N ARG E 98 -5.67 -17.66 57.33
CA ARG E 98 -4.34 -17.58 57.91
C ARG E 98 -3.45 -18.69 57.34
N ALA E 99 -4.06 -19.75 56.83
CA ALA E 99 -3.28 -20.85 56.25
C ALA E 99 -3.17 -20.68 54.75
N ASN E 100 -3.44 -19.46 54.30
CA ASN E 100 -3.38 -19.13 52.89
C ASN E 100 -4.28 -20.02 52.04
N VAL E 101 -5.48 -20.28 52.56
CA VAL E 101 -6.47 -21.12 51.89
C VAL E 101 -7.67 -20.30 51.47
N THR E 102 -8.00 -20.31 50.19
CA THR E 102 -9.16 -19.56 49.72
C THR E 102 -10.43 -20.36 49.97
N ALA E 103 -11.48 -19.71 50.46
CA ALA E 103 -12.73 -20.42 50.73
C ALA E 103 -13.94 -19.86 50.02
N ILE E 104 -14.76 -20.74 49.45
CA ILE E 104 -15.97 -20.34 48.77
C ILE E 104 -17.12 -21.10 49.42
N ARG E 105 -18.20 -20.39 49.76
CA ARG E 105 -19.32 -21.04 50.42
C ARG E 105 -20.64 -20.97 49.66
N ARG E 106 -21.61 -21.73 50.15
CA ARG E 106 -22.94 -21.74 49.54
C ARG E 106 -22.87 -22.01 48.04
N VAL E 107 -22.09 -23.01 47.64
CA VAL E 107 -22.02 -23.34 46.22
C VAL E 107 -23.09 -24.35 45.91
N ARG E 108 -23.75 -24.18 44.78
CA ARG E 108 -24.80 -25.11 44.40
C ARG E 108 -24.25 -26.53 44.29
N LYS E 109 -25.10 -27.52 44.56
CA LYS E 109 -24.65 -28.90 44.47
C LYS E 109 -24.31 -29.26 43.03
N THR E 110 -25.10 -28.78 42.07
CA THR E 110 -24.76 -29.05 40.67
C THR E 110 -23.37 -28.49 40.36
N ASP E 111 -23.16 -27.22 40.68
CA ASP E 111 -21.85 -26.60 40.41
C ASP E 111 -20.77 -27.38 41.13
N ASN E 112 -21.03 -27.72 42.38
CA ASN E 112 -20.04 -28.46 43.15
C ASN E 112 -19.70 -29.76 42.43
N ASN E 113 -20.67 -30.37 41.76
CA ASN E 113 -20.40 -31.60 41.01
C ASN E 113 -19.60 -31.32 39.77
N ARG E 114 -19.93 -30.25 39.05
CA ARG E 114 -19.17 -29.89 37.87
C ARG E 114 -17.71 -29.66 38.22
N ILE E 115 -17.48 -28.97 39.34
CA ILE E 115 -16.12 -28.68 39.77
C ILE E 115 -15.39 -30.00 40.09
N ALA E 116 -16.10 -30.92 40.72
CA ALA E 116 -15.52 -32.20 41.09
C ALA E 116 -15.00 -32.92 39.85
N ARG E 117 -15.82 -32.96 38.79
CA ARG E 117 -15.45 -33.62 37.54
C ARG E 117 -14.35 -32.89 36.79
N ALA E 118 -14.31 -31.57 36.92
CA ALA E 118 -13.29 -30.77 36.25
C ALA E 118 -11.90 -30.86 36.89
N CYS E 119 -11.82 -30.84 38.22
CA CYS E 119 -10.51 -30.90 38.84
C CYS E 119 -10.22 -32.29 39.41
N GLY E 120 -11.21 -33.17 39.32
CA GLY E 120 -11.03 -34.52 39.82
C GLY E 120 -11.08 -34.69 41.33
N ALA E 121 -11.73 -33.77 42.03
CA ALA E 121 -11.83 -33.89 43.47
C ALA E 121 -13.04 -34.74 43.79
N ARG E 122 -13.12 -35.18 45.04
CA ARG E 122 -14.23 -35.99 45.48
C ARG E 122 -14.93 -35.25 46.61
N ILE E 123 -16.17 -34.85 46.36
CA ILE E 123 -16.92 -34.15 47.38
C ILE E 123 -17.01 -35.03 48.63
N VAL E 124 -16.65 -34.46 49.77
CA VAL E 124 -16.65 -35.17 51.05
C VAL E 124 -17.54 -34.45 52.06
N SER E 125 -17.88 -35.11 53.16
CA SER E 125 -18.72 -34.47 54.17
C SER E 125 -17.92 -34.01 55.37
N ARG E 126 -17.37 -34.94 56.14
CA ARG E 126 -16.59 -34.56 57.32
C ARG E 126 -15.12 -34.34 56.98
N PRO E 127 -14.53 -33.25 57.52
CA PRO E 127 -13.12 -32.88 57.31
C PRO E 127 -12.12 -34.03 57.53
N GLU E 128 -12.30 -34.79 58.60
CA GLU E 128 -11.41 -35.90 58.92
C GLU E 128 -11.38 -36.98 57.83
N GLU E 129 -12.53 -37.30 57.27
CA GLU E 129 -12.60 -38.33 56.23
C GLU E 129 -11.89 -37.90 54.94
N LEU E 130 -10.93 -37.00 55.05
CA LEU E 130 -10.18 -36.51 53.89
C LEU E 130 -9.39 -37.66 53.27
N ARG E 131 -8.84 -37.44 52.07
CA ARG E 131 -8.05 -38.47 51.39
C ARG E 131 -7.40 -37.93 50.11
N GLU E 132 -6.16 -38.31 49.85
CA GLU E 132 -5.44 -37.84 48.66
C GLU E 132 -6.26 -38.05 47.40
N ASP E 133 -7.07 -39.10 47.38
CA ASP E 133 -7.90 -39.41 46.21
C ASP E 133 -9.02 -38.39 46.08
N ASP E 134 -9.42 -37.81 47.21
CA ASP E 134 -10.51 -36.82 47.24
C ASP E 134 -10.06 -35.38 46.93
N VAL E 135 -8.75 -35.18 46.82
CA VAL E 135 -8.23 -33.87 46.51
C VAL E 135 -8.18 -33.80 45.01
N GLY E 136 -8.54 -32.64 44.47
CA GLY E 136 -8.50 -32.50 43.03
C GLY E 136 -7.33 -31.67 42.54
N THR E 137 -6.66 -32.16 41.52
CA THR E 137 -5.52 -31.45 40.97
C THR E 137 -5.59 -31.40 39.45
N GLY E 138 -6.74 -31.79 38.89
CA GLY E 138 -6.91 -31.79 37.45
C GLY E 138 -7.13 -30.40 36.87
N ALA E 139 -7.35 -29.43 37.74
CA ALA E 139 -7.57 -28.06 37.32
C ALA E 139 -6.25 -27.36 37.44
N GLY E 140 -5.89 -26.62 36.38
CA GLY E 140 -4.62 -25.92 36.38
C GLY E 140 -4.69 -24.44 36.67
N LEU E 141 -5.90 -23.89 36.85
CA LEU E 141 -6.02 -22.46 37.10
C LEU E 141 -7.34 -22.04 37.73
N LEU E 142 -7.26 -21.45 38.91
CA LEU E 142 -8.45 -20.98 39.63
C LEU E 142 -8.38 -19.45 39.61
N GLU E 143 -9.21 -18.82 38.80
CA GLU E 143 -9.19 -17.36 38.73
C GLU E 143 -10.56 -16.77 38.99
N ILE E 144 -10.64 -15.93 40.01
CA ILE E 144 -11.90 -15.29 40.37
C ILE E 144 -11.89 -13.83 39.90
N LYS E 145 -12.39 -13.55 38.69
CA LYS E 145 -12.41 -12.16 38.19
C LYS E 145 -13.77 -11.47 38.49
N LYS E 146 -13.93 -10.22 38.10
CA LYS E 146 -15.18 -9.51 38.37
C LYS E 146 -15.76 -9.12 37.01
N ILE E 147 -16.97 -9.57 36.65
CA ILE E 147 -17.60 -9.29 35.35
C ILE E 147 -18.90 -8.56 35.66
N GLY E 148 -19.07 -7.38 35.10
CA GLY E 148 -20.27 -6.63 35.40
C GLY E 148 -20.25 -6.28 36.88
N ASP E 149 -21.39 -6.35 37.53
CA ASP E 149 -21.47 -6.02 38.95
C ASP E 149 -21.19 -7.22 39.85
N GLU E 150 -21.08 -8.40 39.25
CA GLU E 150 -20.85 -9.62 40.02
C GLU E 150 -19.47 -10.24 39.84
N TYR E 151 -19.11 -11.11 40.78
CA TYR E 151 -17.84 -11.81 40.73
C TYR E 151 -18.10 -13.23 40.21
N PHE E 152 -17.13 -13.77 39.49
CA PHE E 152 -17.26 -15.12 38.97
C PHE E 152 -15.98 -15.89 39.20
N THR E 153 -16.10 -17.17 39.55
CA THR E 153 -14.95 -18.03 39.77
C THR E 153 -14.76 -18.89 38.53
N PHE E 154 -13.54 -18.94 38.02
CA PHE E 154 -13.24 -19.75 36.83
C PHE E 154 -12.23 -20.83 37.13
N ILE E 155 -12.63 -22.08 36.91
CA ILE E 155 -11.71 -23.19 37.12
C ILE E 155 -11.50 -23.73 35.73
N THR E 156 -10.28 -23.55 35.22
CA THR E 156 -9.93 -23.95 33.86
C THR E 156 -8.59 -24.68 33.77
N ASP E 157 -8.16 -25.02 32.56
CA ASP E 157 -6.88 -25.73 32.39
C ASP E 157 -7.04 -27.09 33.04
N CYS E 158 -7.77 -27.95 32.36
CA CYS E 158 -8.04 -29.31 32.83
C CYS E 158 -7.04 -30.32 32.28
N LYS E 159 -6.48 -31.15 33.16
CA LYS E 159 -5.49 -32.15 32.76
C LYS E 159 -5.95 -33.06 31.62
N ASP E 160 -7.24 -33.02 31.26
CA ASP E 160 -7.76 -33.84 30.17
C ASP E 160 -9.01 -33.19 29.57
N PRO E 161 -9.15 -33.26 28.22
CA PRO E 161 -10.27 -32.70 27.44
C PRO E 161 -11.58 -33.48 27.60
N LYS E 162 -11.45 -34.79 27.81
CA LYS E 162 -12.61 -35.64 28.00
C LYS E 162 -13.18 -35.43 29.40
N ALA E 163 -13.31 -34.16 29.82
CA ALA E 163 -13.84 -33.83 31.14
C ALA E 163 -14.54 -32.47 31.20
N CYS E 164 -13.77 -31.40 31.10
CA CYS E 164 -14.32 -30.05 31.17
C CYS E 164 -15.07 -29.64 29.91
N THR E 165 -16.13 -28.86 30.08
CA THR E 165 -16.92 -28.41 28.95
C THR E 165 -16.39 -27.08 28.42
N ILE E 166 -16.81 -26.72 27.23
CA ILE E 166 -16.38 -25.46 26.62
C ILE E 166 -17.14 -24.27 27.21
N LEU E 167 -16.48 -23.11 27.29
CA LEU E 167 -17.09 -21.89 27.83
C LEU E 167 -16.96 -20.67 26.92
N CYS F 5 -5.13 -14.26 22.70
CA CYS F 5 -6.48 -14.86 22.60
C CYS F 5 -7.33 -14.32 23.77
N VAL F 6 -7.70 -13.03 23.69
CA VAL F 6 -8.52 -12.41 24.73
C VAL F 6 -9.96 -12.29 24.25
N LEU F 7 -10.79 -11.66 25.08
CA LEU F 7 -12.20 -11.48 24.75
C LEU F 7 -12.77 -10.32 25.54
N ARG F 8 -13.12 -9.28 24.81
CA ARG F 8 -13.68 -8.09 25.40
C ARG F 8 -15.15 -7.97 25.04
N GLY F 9 -15.96 -7.70 26.04
CA GLY F 9 -17.35 -7.44 25.74
C GLY F 9 -18.16 -7.25 27.00
N VAL F 10 -19.41 -7.67 26.93
CA VAL F 10 -20.29 -7.57 28.08
C VAL F 10 -21.02 -8.89 28.25
N MET F 11 -21.18 -9.32 29.50
CA MET F 11 -21.88 -10.57 29.77
C MET F 11 -22.97 -10.36 30.81
N ILE F 12 -24.22 -10.61 30.45
CA ILE F 12 -25.29 -10.43 31.40
C ILE F 12 -26.09 -11.71 31.56
N ASN F 13 -26.50 -11.95 32.82
CA ASN F 13 -27.30 -13.11 33.17
C ASN F 13 -28.74 -12.93 32.66
N LYS F 14 -28.94 -13.05 31.35
CA LYS F 14 -30.28 -12.92 30.76
C LYS F 14 -30.41 -13.80 29.52
N ASP F 15 -31.68 -14.02 29.07
CA ASP F 15 -31.97 -14.82 27.89
C ASP F 15 -33.08 -14.11 27.13
N VAL F 16 -33.28 -14.49 25.88
CA VAL F 16 -34.33 -13.89 25.06
C VAL F 16 -35.70 -14.08 25.72
N THR F 17 -36.65 -13.23 25.38
CA THR F 17 -37.99 -13.33 25.96
C THR F 17 -38.79 -14.46 25.35
N HIS F 18 -38.65 -14.61 24.04
CA HIS F 18 -39.36 -15.64 23.32
C HIS F 18 -38.37 -16.63 22.72
N PRO F 19 -38.57 -17.91 22.98
CA PRO F 19 -37.71 -18.99 22.50
C PRO F 19 -37.36 -19.01 21.00
N ARG F 20 -38.30 -18.57 20.16
CA ARG F 20 -38.04 -18.59 18.72
C ARG F 20 -37.03 -17.52 18.31
N MET F 21 -36.90 -16.48 19.11
CA MET F 21 -35.98 -15.40 18.81
C MET F 21 -34.53 -15.87 18.64
N ARG F 22 -33.80 -15.20 17.76
CA ARG F 22 -32.42 -15.56 17.54
C ARG F 22 -31.59 -15.44 18.79
N ARG F 23 -30.74 -16.44 18.99
CA ARG F 23 -29.87 -16.44 20.14
C ARG F 23 -28.43 -16.10 19.66
N TYR F 24 -28.24 -16.05 18.33
CA TYR F 24 -26.93 -15.77 17.74
C TYR F 24 -27.12 -14.76 16.63
N ILE F 25 -26.41 -13.64 16.71
CA ILE F 25 -26.51 -12.58 15.69
C ILE F 25 -25.17 -11.88 15.49
N LYS F 26 -24.62 -11.92 14.27
CA LYS F 26 -23.36 -11.21 14.04
C LYS F 26 -23.67 -9.75 13.71
N ASN F 27 -22.79 -8.87 14.16
CA ASN F 27 -22.92 -7.44 13.95
C ASN F 27 -24.34 -6.95 14.21
N PRO F 28 -24.89 -7.25 15.39
CA PRO F 28 -26.25 -6.84 15.77
C PRO F 28 -26.47 -5.34 15.88
N ARG F 29 -27.58 -4.87 15.33
CA ARG F 29 -27.94 -3.46 15.46
C ARG F 29 -28.77 -3.48 16.74
N ILE F 30 -28.17 -3.00 17.82
CA ILE F 30 -28.75 -2.97 19.14
C ILE F 30 -29.49 -1.68 19.48
N VAL F 31 -30.64 -1.81 20.13
CA VAL F 31 -31.44 -0.67 20.54
C VAL F 31 -31.73 -0.77 22.03
N LEU F 32 -31.22 0.17 22.82
CA LEU F 32 -31.44 0.15 24.27
C LEU F 32 -32.59 1.02 24.75
N LEU F 33 -33.39 0.52 25.67
CA LEU F 33 -34.51 1.28 26.21
C LEU F 33 -34.51 1.21 27.74
N ASP F 34 -35.15 2.17 28.38
CA ASP F 34 -35.25 2.17 29.84
C ASP F 34 -36.72 2.25 30.23
N SER F 35 -37.58 2.23 29.22
CA SER F 35 -39.02 2.29 29.43
C SER F 35 -39.64 0.92 29.28
N SER F 36 -40.90 0.83 29.65
CA SER F 36 -41.60 -0.45 29.57
C SER F 36 -42.32 -0.60 28.24
N LEU F 37 -42.33 -1.79 27.68
CA LEU F 37 -43.03 -1.96 26.42
C LEU F 37 -44.39 -2.61 26.62
N GLU F 38 -45.31 -1.87 27.24
CA GLU F 38 -46.66 -2.34 27.49
C GLU F 38 -47.56 -1.12 27.59
N TYR F 39 -48.86 -1.37 27.63
CA TYR F 39 -49.83 -0.27 27.68
C TYR F 39 -49.68 0.69 28.86
N LYS F 40 -49.70 1.99 28.55
CA LYS F 40 -49.58 3.06 29.54
C LYS F 40 -50.81 3.98 29.53
N LYS F 41 -51.24 4.40 30.72
CA LYS F 41 -52.40 5.28 30.90
C LYS F 41 -53.68 4.56 30.49
N ASP F 55 -69.85 1.38 26.60
CA ASP F 55 -68.57 0.73 26.35
C ASP F 55 -68.73 -0.75 26.02
N PHE F 56 -67.98 -1.20 25.01
CA PHE F 56 -68.02 -2.59 24.57
C PHE F 56 -66.62 -3.06 24.15
N THR F 57 -65.90 -3.68 25.10
CA THR F 57 -64.53 -4.18 24.92
C THR F 57 -63.60 -3.21 24.19
N ARG F 58 -63.92 -1.92 24.31
CA ARG F 58 -63.15 -0.85 23.68
C ARG F 58 -61.79 -0.70 24.35
N ILE F 59 -61.36 -1.80 24.95
CA ILE F 59 -60.09 -1.83 25.64
C ILE F 59 -59.14 -2.78 24.94
N LEU F 60 -59.58 -4.02 24.73
CA LEU F 60 -58.76 -5.01 24.08
C LEU F 60 -58.22 -4.52 22.74
N GLN F 61 -58.65 -3.32 22.36
CA GLN F 61 -58.21 -2.70 21.12
C GLN F 61 -57.43 -1.42 21.46
N MET F 62 -58.01 -0.59 22.33
CA MET F 62 -57.39 0.66 22.74
C MET F 62 -55.95 0.45 23.15
N GLU F 63 -55.64 -0.79 23.51
CA GLU F 63 -54.31 -1.16 23.93
C GLU F 63 -53.51 -1.71 22.74
N GLU F 64 -54.15 -2.48 21.87
CA GLU F 64 -53.43 -3.03 20.73
C GLU F 64 -52.80 -1.93 19.87
N GLU F 65 -53.58 -0.90 19.54
CA GLU F 65 -53.05 0.19 18.73
C GLU F 65 -52.02 1.03 19.48
N TYR F 66 -51.60 0.56 20.66
CA TYR F 66 -50.60 1.27 21.45
C TYR F 66 -49.33 0.45 21.52
N ILE F 67 -49.50 -0.85 21.67
CA ILE F 67 -48.38 -1.78 21.70
C ILE F 67 -47.89 -1.82 20.27
N HIS F 68 -48.83 -2.01 19.34
CA HIS F 68 -48.50 -2.07 17.93
C HIS F 68 -47.67 -0.85 17.54
N GLN F 69 -48.18 0.33 17.91
CA GLN F 69 -47.54 1.61 17.63
C GLN F 69 -46.10 1.67 18.15
N LEU F 70 -45.93 1.20 19.37
CA LEU F 70 -44.63 1.19 20.01
C LEU F 70 -43.68 0.28 19.25
N CYS F 71 -44.15 -0.92 18.94
CA CYS F 71 -43.34 -1.88 18.21
C CYS F 71 -42.97 -1.37 16.83
N GLU F 72 -43.95 -0.83 16.12
CA GLU F 72 -43.71 -0.30 14.78
C GLU F 72 -42.60 0.75 14.84
N ASP F 73 -42.61 1.62 15.84
CA ASP F 73 -41.57 2.64 15.96
C ASP F 73 -40.19 2.00 16.08
N ILE F 74 -40.10 0.90 16.82
CA ILE F 74 -38.85 0.21 17.02
C ILE F 74 -38.42 -0.48 15.73
N ILE F 75 -39.33 -1.27 15.17
CA ILE F 75 -39.07 -2.00 13.93
C ILE F 75 -38.64 -1.04 12.83
N GLN F 76 -39.17 0.18 12.86
CA GLN F 76 -38.85 1.21 11.87
C GLN F 76 -37.35 1.39 11.71
N LEU F 77 -36.58 1.31 12.81
CA LEU F 77 -35.14 1.50 12.72
C LEU F 77 -34.40 0.21 12.48
N LYS F 78 -35.14 -0.77 11.99
CA LYS F 78 -34.63 -2.11 11.67
C LYS F 78 -33.52 -2.60 12.57
N PRO F 79 -33.84 -2.85 13.85
CA PRO F 79 -32.85 -3.33 14.80
C PRO F 79 -32.85 -4.86 14.87
N ASP F 80 -31.77 -5.45 15.37
CA ASP F 80 -31.71 -6.89 15.48
C ASP F 80 -32.12 -7.27 16.90
N VAL F 81 -31.66 -6.48 17.85
CA VAL F 81 -31.95 -6.70 19.26
C VAL F 81 -32.55 -5.46 19.91
N VAL F 82 -33.48 -5.68 20.83
CA VAL F 82 -34.09 -4.60 21.58
C VAL F 82 -33.99 -5.03 23.04
N ILE F 83 -33.26 -4.25 23.83
CA ILE F 83 -33.08 -4.56 25.25
C ILE F 83 -33.68 -3.43 26.09
N THR F 84 -34.37 -3.79 27.17
CA THR F 84 -34.95 -2.77 28.04
C THR F 84 -34.77 -3.08 29.51
N GLU F 85 -34.81 -2.04 30.32
CA GLU F 85 -34.65 -2.17 31.76
C GLU F 85 -35.95 -2.64 32.39
N LYS F 86 -37.08 -2.42 31.74
CA LYS F 86 -38.30 -2.85 32.34
C LYS F 86 -38.86 -4.11 31.72
N GLY F 87 -40.18 -4.15 31.52
CA GLY F 87 -40.76 -5.35 30.97
C GLY F 87 -41.26 -5.25 29.55
N ILE F 88 -41.61 -6.40 28.97
CA ILE F 88 -42.11 -6.46 27.60
C ILE F 88 -43.36 -7.36 27.57
N SER F 89 -44.50 -6.78 27.18
CA SER F 89 -45.73 -7.55 27.13
C SER F 89 -45.63 -8.70 26.14
N ASP F 90 -46.44 -9.73 26.33
CA ASP F 90 -46.43 -10.88 25.43
C ASP F 90 -46.79 -10.44 24.01
N LEU F 91 -47.72 -9.47 23.87
CA LEU F 91 -48.12 -8.98 22.56
C LEU F 91 -46.92 -8.34 21.89
N ALA F 92 -46.21 -7.50 22.63
CA ALA F 92 -45.05 -6.83 22.09
C ALA F 92 -44.02 -7.86 21.65
N GLN F 93 -43.86 -8.89 22.46
CA GLN F 93 -42.91 -9.93 22.14
C GLN F 93 -43.26 -10.65 20.83
N HIS F 94 -44.54 -10.76 20.51
CA HIS F 94 -44.94 -11.46 19.27
C HIS F 94 -44.67 -10.56 18.08
N TYR F 95 -44.88 -9.26 18.29
CA TYR F 95 -44.68 -8.33 17.21
C TYR F 95 -43.20 -8.20 16.87
N LEU F 96 -42.39 -7.99 17.88
CA LEU F 96 -40.98 -7.87 17.63
C LEU F 96 -40.44 -9.15 17.01
N MET F 97 -40.87 -10.31 17.57
CA MET F 97 -40.45 -11.64 17.13
C MET F 97 -40.83 -11.85 15.67
N ARG F 98 -41.97 -11.30 15.29
CA ARG F 98 -42.41 -11.42 13.92
C ARG F 98 -41.41 -10.69 13.03
N ALA F 99 -40.95 -9.51 13.48
CA ALA F 99 -40.04 -8.67 12.68
C ALA F 99 -38.60 -9.16 12.82
N ASN F 100 -38.42 -10.41 13.30
CA ASN F 100 -37.11 -11.04 13.48
C ASN F 100 -36.21 -10.20 14.39
N VAL F 101 -36.82 -9.64 15.42
CA VAL F 101 -36.12 -8.82 16.40
C VAL F 101 -36.03 -9.54 17.73
N THR F 102 -34.82 -9.73 18.23
CA THR F 102 -34.65 -10.41 19.51
C THR F 102 -34.88 -9.40 20.65
N ALA F 103 -35.61 -9.82 21.68
CA ALA F 103 -35.88 -8.91 22.80
C ALA F 103 -35.43 -9.43 24.15
N ILE F 104 -34.79 -8.57 24.94
CA ILE F 104 -34.35 -8.94 26.29
C ILE F 104 -34.95 -7.93 27.26
N ARG F 105 -35.51 -8.42 28.37
CA ARG F 105 -36.16 -7.51 29.31
C ARG F 105 -35.60 -7.55 30.71
N ARG F 106 -36.08 -6.62 31.51
CA ARG F 106 -35.64 -6.61 32.88
C ARG F 106 -34.10 -6.60 33.00
N VAL F 107 -33.42 -5.78 32.19
CA VAL F 107 -31.96 -5.71 32.27
C VAL F 107 -31.58 -4.65 33.27
N ARG F 108 -30.68 -5.00 34.17
CA ARG F 108 -30.27 -4.08 35.23
C ARG F 108 -29.65 -2.83 34.67
N LYS F 109 -30.12 -1.66 35.12
CA LYS F 109 -29.56 -0.39 34.66
C LYS F 109 -28.04 -0.39 34.47
N THR F 110 -27.24 -0.82 35.44
CA THR F 110 -25.79 -0.84 35.25
C THR F 110 -25.45 -1.63 33.98
N ASP F 111 -25.99 -2.84 33.88
CA ASP F 111 -25.71 -3.67 32.70
C ASP F 111 -26.15 -2.93 31.44
N ASN F 112 -27.34 -2.34 31.50
CA ASN F 112 -27.84 -1.62 30.36
C ASN F 112 -26.86 -0.53 29.94
N ASN F 113 -26.17 0.06 30.92
CA ASN F 113 -25.21 1.08 30.60
C ASN F 113 -23.98 0.47 29.98
N ARG F 114 -23.49 -0.62 30.55
CA ARG F 114 -22.32 -1.27 29.99
C ARG F 114 -22.56 -1.64 28.54
N ILE F 115 -23.75 -2.14 28.25
CA ILE F 115 -24.10 -2.53 26.88
C ILE F 115 -24.08 -1.29 25.98
N ALA F 116 -24.60 -0.18 26.50
CA ALA F 116 -24.64 1.06 25.73
C ALA F 116 -23.24 1.46 25.29
N ARG F 117 -22.29 1.41 26.23
CA ARG F 117 -20.92 1.79 25.89
C ARG F 117 -20.29 0.79 24.93
N ALA F 118 -20.56 -0.48 25.14
CA ALA F 118 -19.97 -1.51 24.30
C ALA F 118 -20.44 -1.48 22.84
N CYS F 119 -21.72 -1.28 22.60
CA CYS F 119 -22.18 -1.29 21.22
C CYS F 119 -22.45 0.13 20.71
N GLY F 120 -22.30 1.10 21.60
CA GLY F 120 -22.51 2.47 21.19
C GLY F 120 -23.95 2.92 21.04
N ALA F 121 -24.88 2.23 21.70
CA ALA F 121 -26.27 2.63 21.59
C ALA F 121 -26.54 3.68 22.66
N ARG F 122 -27.64 4.39 22.52
CA ARG F 122 -28.00 5.39 23.50
C ARG F 122 -29.34 4.95 24.09
N ILE F 123 -29.34 4.66 25.40
CA ILE F 123 -30.55 4.27 26.10
C ILE F 123 -31.61 5.35 25.94
N VAL F 124 -32.80 4.96 25.50
CA VAL F 124 -33.91 5.87 25.26
C VAL F 124 -35.13 5.48 26.09
N SER F 125 -36.10 6.36 26.23
CA SER F 125 -37.31 6.04 26.99
C SER F 125 -38.46 5.69 26.10
N ARG F 126 -38.97 6.66 25.36
CA ARG F 126 -40.07 6.30 24.50
C ARG F 126 -39.55 6.13 23.08
N PRO F 127 -39.76 4.95 22.51
CA PRO F 127 -39.34 4.60 21.15
C PRO F 127 -39.63 5.72 20.13
N GLU F 128 -40.76 6.40 20.30
CA GLU F 128 -41.10 7.48 19.38
C GLU F 128 -39.90 8.36 19.10
N GLU F 129 -39.07 8.58 20.11
CA GLU F 129 -37.89 9.44 19.94
C GLU F 129 -36.60 8.74 19.49
N LEU F 130 -36.70 7.48 19.04
CA LEU F 130 -35.53 6.73 18.60
C LEU F 130 -35.06 7.09 17.19
N ARG F 131 -33.91 7.76 17.11
CA ARG F 131 -33.33 8.18 15.84
C ARG F 131 -32.31 7.15 15.39
N GLU F 132 -31.96 7.19 14.10
CA GLU F 132 -31.00 6.27 13.53
C GLU F 132 -29.65 6.22 14.29
N ASP F 133 -29.26 7.32 14.93
CA ASP F 133 -28.01 7.34 15.69
C ASP F 133 -28.10 6.38 16.85
N ASP F 134 -29.11 6.56 17.69
CA ASP F 134 -29.28 5.69 18.85
C ASP F 134 -28.94 4.25 18.59
N VAL F 135 -29.20 3.77 17.40
CA VAL F 135 -28.91 2.37 17.11
C VAL F 135 -27.43 1.97 17.33
N GLY F 136 -27.15 1.15 18.35
CA GLY F 136 -25.76 0.75 18.54
C GLY F 136 -25.34 -0.30 17.55
N THR F 137 -24.17 -0.10 16.95
CA THR F 137 -23.64 -1.05 15.97
C THR F 137 -22.18 -1.35 16.24
N GLY F 138 -21.68 -0.93 17.41
CA GLY F 138 -20.29 -1.17 17.75
C GLY F 138 -20.02 -2.59 18.19
N ALA F 139 -21.08 -3.35 18.41
CA ALA F 139 -20.95 -4.72 18.84
C ALA F 139 -21.06 -5.56 17.60
N GLY F 140 -20.15 -6.53 17.46
CA GLY F 140 -20.15 -7.37 16.30
C GLY F 140 -20.72 -8.77 16.50
N LEU F 141 -21.12 -9.10 17.72
CA LEU F 141 -21.67 -10.44 17.96
C LEU F 141 -22.49 -10.55 19.24
N LEU F 142 -23.76 -10.93 19.09
CA LEU F 142 -24.66 -11.10 20.22
C LEU F 142 -24.93 -12.59 20.33
N GLU F 143 -24.35 -13.25 21.32
CA GLU F 143 -24.56 -14.68 21.47
C GLU F 143 -25.07 -15.04 22.85
N ILE F 144 -26.23 -15.66 22.89
CA ILE F 144 -26.84 -16.05 24.16
C ILE F 144 -26.67 -17.53 24.38
N LYS F 145 -25.63 -17.90 25.13
CA LYS F 145 -25.42 -19.29 25.38
C LYS F 145 -25.72 -19.61 26.82
N LYS F 146 -26.01 -20.89 27.06
CA LYS F 146 -26.29 -21.37 28.39
C LYS F 146 -24.99 -21.89 29.02
N ILE F 147 -24.82 -21.60 30.31
CA ILE F 147 -23.67 -22.01 31.09
C ILE F 147 -24.25 -22.50 32.42
N GLY F 148 -23.95 -23.73 32.80
CA GLY F 148 -24.52 -24.25 34.03
C GLY F 148 -26.04 -24.33 33.84
N ASP F 149 -26.88 -23.94 34.78
CA ASP F 149 -28.35 -23.99 34.67
C ASP F 149 -28.94 -22.70 34.13
N GLU F 150 -28.10 -21.68 33.98
CA GLU F 150 -28.58 -20.38 33.52
C GLU F 150 -28.12 -20.00 32.12
N TYR F 151 -28.80 -19.02 31.54
CA TYR F 151 -28.47 -18.52 30.23
C TYR F 151 -27.71 -17.21 30.40
N PHE F 152 -26.78 -16.94 29.50
CA PHE F 152 -26.02 -15.71 29.56
C PHE F 152 -25.93 -15.10 28.18
N THR F 153 -26.11 -13.79 28.17
CA THR F 153 -26.05 -13.06 26.93
C THR F 153 -24.65 -12.47 26.81
N PHE F 154 -24.00 -12.69 25.67
CA PHE F 154 -22.66 -12.15 25.43
C PHE F 154 -22.64 -11.17 24.28
N ILE F 155 -22.24 -9.94 24.55
CA ILE F 155 -22.13 -8.95 23.50
C ILE F 155 -20.63 -8.69 23.40
N THR F 156 -20.05 -9.13 22.28
CA THR F 156 -18.61 -9.03 22.07
C THR F 156 -18.24 -8.50 20.68
N ASP F 157 -16.93 -8.37 20.42
CA ASP F 157 -16.42 -7.89 19.13
C ASP F 157 -16.67 -6.38 19.02
N CYS F 158 -15.92 -5.61 19.80
CA CYS F 158 -16.09 -4.16 19.81
C CYS F 158 -15.23 -3.46 18.77
N LYS F 159 -15.88 -2.75 17.86
CA LYS F 159 -15.16 -2.01 16.83
C LYS F 159 -14.42 -0.91 17.56
N ASP F 160 -14.53 -0.95 18.87
CA ASP F 160 -13.87 0.01 19.74
C ASP F 160 -13.45 -0.75 20.97
N PRO F 161 -12.26 -1.34 20.95
CA PRO F 161 -11.86 -2.08 22.15
C PRO F 161 -11.66 -1.24 23.39
N LYS F 162 -11.37 0.04 23.21
CA LYS F 162 -11.16 0.95 24.34
C LYS F 162 -12.48 1.17 25.05
N ALA F 163 -13.57 0.75 24.42
CA ALA F 163 -14.89 0.92 25.00
C ALA F 163 -15.38 -0.34 25.69
N CYS F 164 -14.72 -1.46 25.47
CA CYS F 164 -15.14 -2.68 26.13
C CYS F 164 -14.12 -3.18 27.13
N THR F 165 -14.58 -3.72 28.26
CA THR F 165 -13.65 -4.23 29.25
C THR F 165 -13.37 -5.71 29.00
N ILE F 166 -12.33 -6.22 29.65
CA ILE F 166 -11.95 -7.59 29.47
C ILE F 166 -12.87 -8.53 30.23
N LEU F 167 -13.17 -9.64 29.56
CA LEU F 167 -14.00 -10.68 30.13
C LEU F 167 -13.11 -11.85 30.49
N LEU F 168 -12.38 -12.36 29.51
CA LEU F 168 -11.53 -13.51 29.75
C LEU F 168 -10.13 -13.32 29.17
N ARG F 169 -9.26 -14.30 29.41
CA ARG F 169 -7.91 -14.28 28.88
C ARG F 169 -7.51 -15.72 28.56
N SER G 4 29.26 20.59 -6.19
CA SER G 4 28.12 21.56 -6.31
C SER G 4 28.36 22.86 -5.48
N CYS G 5 27.53 23.10 -4.47
CA CYS G 5 27.62 24.29 -3.60
C CYS G 5 27.03 23.90 -2.23
N VAL G 6 25.96 24.59 -1.81
CA VAL G 6 25.23 24.31 -0.55
C VAL G 6 23.95 25.17 -0.52
N LEU G 7 22.83 24.55 -0.10
CA LEU G 7 21.52 25.20 0.00
C LEU G 7 21.02 25.17 1.45
N ARG G 8 20.80 26.36 2.01
CA ARG G 8 20.36 26.54 3.40
C ARG G 8 19.15 27.47 3.36
N GLY G 9 18.14 27.11 4.14
CA GLY G 9 16.87 27.81 4.21
C GLY G 9 15.74 26.84 4.51
N VAL G 10 14.58 27.08 3.91
CA VAL G 10 13.44 26.21 4.13
C VAL G 10 12.81 25.93 2.77
N MET G 11 12.37 24.68 2.56
CA MET G 11 11.73 24.32 1.32
C MET G 11 10.41 23.62 1.58
N ILE G 12 9.31 24.19 1.11
CA ILE G 12 8.02 23.56 1.31
C ILE G 12 7.31 23.32 -0.01
N ASN G 13 6.63 22.20 -0.09
CA ASN G 13 5.87 21.82 -1.28
C ASN G 13 4.60 22.67 -1.37
N LYS G 14 4.73 23.93 -1.76
CA LYS G 14 3.58 24.82 -1.89
C LYS G 14 3.82 25.84 -3.00
N ASP G 15 2.74 26.45 -3.47
CA ASP G 15 2.81 27.46 -4.51
C ASP G 15 1.87 28.57 -4.11
N VAL G 16 2.02 29.73 -4.75
CA VAL G 16 1.16 30.87 -4.46
C VAL G 16 -0.31 30.50 -4.69
N THR G 17 -1.21 31.24 -4.06
CA THR G 17 -2.64 30.97 -4.22
C THR G 17 -3.16 31.48 -5.56
N HIS G 18 -2.64 32.62 -6.01
CA HIS G 18 -3.09 33.21 -7.27
C HIS G 18 -1.98 33.55 -8.25
N PRO G 19 -2.15 33.12 -9.52
CA PRO G 19 -1.19 33.34 -10.63
C PRO G 19 -0.65 34.74 -10.77
N ARG G 20 -1.41 35.76 -10.40
CA ARG G 20 -0.84 37.10 -10.54
C ARG G 20 0.08 37.48 -9.37
N MET G 21 0.36 36.53 -8.47
CA MET G 21 1.24 36.85 -7.34
C MET G 21 2.72 36.58 -7.65
N ARG G 22 3.61 37.43 -7.13
CA ARG G 22 5.04 37.22 -7.37
C ARG G 22 5.53 35.87 -6.85
N ARG G 23 6.37 35.22 -7.63
CA ARG G 23 6.92 33.97 -7.17
C ARG G 23 8.38 34.18 -6.81
N TYR G 24 8.88 35.40 -7.03
CA TYR G 24 10.27 35.73 -6.71
C TYR G 24 10.28 37.07 -5.97
N ILE G 25 10.85 37.07 -4.76
CA ILE G 25 10.92 38.27 -3.94
C ILE G 25 12.20 38.34 -3.12
N LYS G 26 12.94 39.43 -3.25
CA LYS G 26 14.18 39.59 -2.50
C LYS G 26 13.90 40.41 -1.26
N ASN G 27 14.43 39.97 -0.13
CA ASN G 27 14.23 40.69 1.13
C ASN G 27 12.76 40.78 1.46
N PRO G 28 12.13 39.62 1.66
CA PRO G 28 10.70 39.49 1.98
C PRO G 28 10.27 39.89 3.38
N ARG G 29 9.14 40.59 3.49
CA ARG G 29 8.63 40.94 4.80
C ARG G 29 7.55 39.88 5.07
N ILE G 30 8.01 38.73 5.54
CA ILE G 30 7.12 37.61 5.77
C ILE G 30 6.21 37.73 6.99
N VAL G 31 4.95 37.33 6.83
CA VAL G 31 3.98 37.38 7.93
C VAL G 31 3.34 36.01 8.06
N LEU G 32 3.56 35.35 9.20
CA LEU G 32 2.99 34.02 9.42
C LEU G 32 1.69 34.02 10.22
N LEU G 33 0.74 33.21 9.80
CA LEU G 33 -0.54 33.11 10.49
C LEU G 33 -0.91 31.66 10.71
N ASP G 34 -1.75 31.40 11.70
CA ASP G 34 -2.20 30.04 11.96
C ASP G 34 -3.73 30.02 11.92
N SER G 35 -4.33 31.16 11.59
CA SER G 35 -5.78 31.31 11.51
C SER G 35 -6.22 31.29 10.06
N SER G 36 -7.54 31.20 9.87
CA SER G 36 -8.09 31.16 8.53
C SER G 36 -8.44 32.54 8.02
N LEU G 37 -8.27 32.67 6.70
CA LEU G 37 -8.56 33.88 5.95
C LEU G 37 -9.82 33.61 5.14
N GLU G 38 -10.85 33.17 5.84
CA GLU G 38 -12.13 32.87 5.23
C GLU G 38 -13.26 33.45 6.08
N TYR G 39 -14.50 32.97 5.86
CA TYR G 39 -15.69 33.43 6.59
C TYR G 39 -16.72 32.29 6.73
N LYS G 40 -17.04 31.95 7.99
CA LYS G 40 -17.97 30.86 8.33
C LYS G 40 -17.65 29.57 7.56
N GLU G 54 -33.80 40.85 -0.25
CA GLU G 54 -32.56 40.13 -0.54
C GLU G 54 -31.83 39.69 0.72
N ASP G 55 -31.84 38.39 0.99
CA ASP G 55 -31.15 37.82 2.14
C ASP G 55 -29.80 37.28 1.64
N PHE G 56 -29.79 36.70 0.43
CA PHE G 56 -28.57 36.16 -0.18
C PHE G 56 -27.51 37.25 -0.31
N THR G 57 -27.97 38.48 -0.51
CA THR G 57 -27.10 39.64 -0.65
C THR G 57 -26.70 40.16 0.74
N ARG G 58 -27.41 39.71 1.77
CA ARG G 58 -27.12 40.11 3.14
C ARG G 58 -25.90 39.31 3.62
N ILE G 59 -25.97 37.99 3.44
CA ILE G 59 -24.89 37.06 3.80
C ILE G 59 -23.62 37.45 3.06
N LEU G 60 -23.71 37.54 1.74
CA LEU G 60 -22.61 37.93 0.88
C LEU G 60 -22.04 39.26 1.33
N GLN G 61 -22.93 40.14 1.74
CA GLN G 61 -22.52 41.45 2.19
C GLN G 61 -21.67 41.32 3.44
N MET G 62 -21.97 40.30 4.27
CA MET G 62 -21.24 40.03 5.52
C MET G 62 -19.86 39.44 5.24
N GLU G 63 -19.85 38.39 4.42
CA GLU G 63 -18.63 37.67 4.02
C GLU G 63 -17.58 38.64 3.52
N GLU G 64 -18.04 39.78 3.02
CA GLU G 64 -17.17 40.82 2.46
C GLU G 64 -16.62 41.70 3.56
N GLU G 65 -17.54 42.29 4.31
CA GLU G 65 -17.17 43.19 5.39
C GLU G 65 -16.09 42.56 6.28
N TYR G 66 -16.19 41.24 6.47
CA TYR G 66 -15.25 40.48 7.30
C TYR G 66 -13.87 40.39 6.67
N ILE G 67 -13.79 39.67 5.55
CA ILE G 67 -12.52 39.50 4.83
C ILE G 67 -11.84 40.81 4.53
N HIS G 68 -12.62 41.88 4.37
CA HIS G 68 -12.00 43.16 4.07
C HIS G 68 -11.17 43.57 5.29
N GLN G 69 -11.81 43.59 6.45
CA GLN G 69 -11.16 43.96 7.71
C GLN G 69 -9.89 43.15 7.98
N LEU G 70 -10.06 41.83 7.87
CA LEU G 70 -8.98 40.90 8.08
C LEU G 70 -7.80 41.26 7.19
N CYS G 71 -8.08 41.42 5.91
CA CYS G 71 -7.05 41.74 4.94
C CYS G 71 -6.38 43.07 5.20
N GLU G 72 -7.15 44.11 5.50
CA GLU G 72 -6.55 45.41 5.78
C GLU G 72 -5.66 45.30 7.02
N ASP G 73 -6.05 44.48 8.01
CA ASP G 73 -5.19 44.36 9.18
C ASP G 73 -3.82 43.82 8.73
N ILE G 74 -3.83 42.85 7.82
CA ILE G 74 -2.60 42.26 7.33
C ILE G 74 -1.81 43.23 6.50
N ILE G 75 -2.48 43.85 5.54
CA ILE G 75 -1.85 44.81 4.64
C ILE G 75 -1.25 45.97 5.44
N GLN G 76 -1.90 46.25 6.57
CA GLN G 76 -1.45 47.32 7.47
C GLN G 76 0.05 47.25 7.75
N LEU G 77 0.60 46.04 7.78
CA LEU G 77 2.03 45.90 8.05
C LEU G 77 2.91 45.86 6.80
N LYS G 78 2.32 46.17 5.65
CA LYS G 78 3.00 46.19 4.35
C LYS G 78 3.99 45.04 4.16
N PRO G 79 3.49 43.81 4.20
CA PRO G 79 4.26 42.57 4.03
C PRO G 79 4.36 42.19 2.57
N ASP G 80 5.34 41.34 2.23
CA ASP G 80 5.48 40.90 0.85
C ASP G 80 4.78 39.56 0.70
N VAL G 81 4.92 38.72 1.73
CA VAL G 81 4.30 37.41 1.73
C VAL G 81 3.45 37.19 2.98
N VAL G 82 2.35 36.47 2.83
CA VAL G 82 1.49 36.13 3.94
C VAL G 82 1.25 34.64 3.82
N ILE G 83 1.70 33.89 4.81
CA ILE G 83 1.54 32.45 4.82
C ILE G 83 0.67 32.03 5.99
N THR G 84 -0.23 31.08 5.77
CA THR G 84 -1.09 30.60 6.85
C THR G 84 -1.26 29.09 6.84
N GLU G 85 -1.58 28.56 8.01
CA GLU G 85 -1.78 27.13 8.18
C GLU G 85 -3.16 26.73 7.69
N LYS G 86 -4.06 27.69 7.68
CA LYS G 86 -5.41 27.40 7.23
C LYS G 86 -5.66 27.82 5.78
N GLY G 87 -6.90 28.17 5.48
CA GLY G 87 -7.22 28.56 4.12
C GLY G 87 -7.36 30.04 3.89
N ILE G 88 -7.45 30.42 2.61
CA ILE G 88 -7.60 31.82 2.22
C ILE G 88 -8.71 31.94 1.18
N SER G 89 -9.77 32.69 1.52
CA SER G 89 -10.88 32.85 0.59
C SER G 89 -10.44 33.53 -0.68
N ASP G 90 -11.21 33.35 -1.73
CA ASP G 90 -10.88 33.96 -3.00
C ASP G 90 -10.89 35.47 -2.89
N LEU G 91 -11.85 35.99 -2.14
CA LEU G 91 -11.93 37.42 -1.98
C LEU G 91 -10.66 37.92 -1.33
N ALA G 92 -10.23 37.24 -0.28
CA ALA G 92 -9.02 37.64 0.43
C ALA G 92 -7.84 37.60 -0.53
N GLN G 93 -7.72 36.54 -1.36
CA GLN G 93 -6.61 36.48 -2.34
C GLN G 93 -6.55 37.75 -3.18
N HIS G 94 -7.71 38.13 -3.73
CA HIS G 94 -7.82 39.32 -4.55
C HIS G 94 -7.44 40.61 -3.86
N TYR G 95 -7.74 40.73 -2.57
CA TYR G 95 -7.36 41.94 -1.84
C TYR G 95 -5.86 41.93 -1.59
N LEU G 96 -5.33 40.81 -1.16
CA LEU G 96 -3.91 40.73 -0.91
C LEU G 96 -3.13 40.93 -2.19
N MET G 97 -3.60 40.29 -3.22
CA MET G 97 -2.99 40.34 -4.54
C MET G 97 -2.99 41.77 -5.06
N ARG G 98 -4.05 42.48 -4.70
CA ARG G 98 -4.28 43.84 -5.09
C ARG G 98 -3.32 44.78 -4.34
N ALA G 99 -2.70 44.29 -3.29
CA ALA G 99 -1.73 45.05 -2.51
C ALA G 99 -0.32 44.50 -2.74
N ASN G 100 -0.18 43.77 -3.82
CA ASN G 100 1.10 43.19 -4.21
C ASN G 100 1.67 42.29 -3.11
N VAL G 101 0.78 41.51 -2.49
CA VAL G 101 1.15 40.61 -1.42
C VAL G 101 0.97 39.16 -1.86
N THR G 102 2.04 38.37 -1.80
CA THR G 102 1.94 36.96 -2.17
C THR G 102 1.35 36.15 -1.02
N ALA G 103 0.43 35.25 -1.30
CA ALA G 103 -0.18 34.45 -0.26
C ALA G 103 -0.04 32.94 -0.45
N ILE G 104 0.30 32.24 0.63
CA ILE G 104 0.43 30.79 0.59
C ILE G 104 -0.47 30.23 1.68
N ARG G 105 -1.26 29.23 1.35
CA ARG G 105 -2.17 28.68 2.32
C ARG G 105 -1.97 27.21 2.64
N ARG G 106 -2.67 26.76 3.69
CA ARG G 106 -2.65 25.39 4.20
C ARG G 106 -1.26 24.82 4.43
N VAL G 107 -0.38 25.67 4.93
CA VAL G 107 0.99 25.26 5.19
C VAL G 107 1.02 24.45 6.47
N ARG G 108 1.71 23.31 6.47
CA ARG G 108 1.75 22.51 7.70
C ARG G 108 2.29 23.31 8.87
N LYS G 109 1.87 22.93 10.08
CA LYS G 109 2.33 23.58 11.31
C LYS G 109 3.84 23.46 11.47
N THR G 110 4.40 22.29 11.15
CA THR G 110 5.83 22.12 11.27
C THR G 110 6.56 23.08 10.32
N ASP G 111 6.16 23.06 9.04
CA ASP G 111 6.81 23.94 8.06
C ASP G 111 6.65 25.38 8.49
N ASN G 112 5.45 25.72 8.92
CA ASN G 112 5.21 27.09 9.35
C ASN G 112 6.18 27.46 10.47
N ASN G 113 6.50 26.49 11.35
CA ASN G 113 7.44 26.76 12.44
C ASN G 113 8.87 26.92 11.87
N ARG G 114 9.26 26.06 10.93
CA ARG G 114 10.58 26.17 10.33
C ARG G 114 10.76 27.53 9.69
N ILE G 115 9.72 27.99 8.99
CA ILE G 115 9.80 29.29 8.32
C ILE G 115 9.94 30.40 9.36
N ALA G 116 9.23 30.26 10.48
CA ALA G 116 9.28 31.26 11.54
C ALA G 116 10.72 31.42 12.03
N ARG G 117 11.40 30.31 12.26
CA ARG G 117 12.76 30.41 12.72
C ARG G 117 13.66 31.00 11.66
N ALA G 118 13.49 30.51 10.46
CA ALA G 118 14.35 30.96 9.38
C ALA G 118 14.29 32.44 9.08
N CYS G 119 13.11 33.03 9.06
CA CYS G 119 13.03 34.45 8.75
C CYS G 119 12.80 35.29 9.99
N GLY G 120 12.63 34.61 11.13
CA GLY G 120 12.42 35.32 12.38
C GLY G 120 11.04 35.92 12.59
N ALA G 121 10.04 35.37 11.93
CA ALA G 121 8.69 35.90 12.11
C ALA G 121 8.07 35.17 13.29
N ARG G 122 6.95 35.71 13.78
CA ARG G 122 6.26 35.15 14.92
C ARG G 122 4.83 34.75 14.56
N ILE G 123 4.59 33.46 14.37
CA ILE G 123 3.26 33.01 13.98
C ILE G 123 2.20 33.65 14.86
N VAL G 124 1.20 34.27 14.25
CA VAL G 124 0.12 34.96 14.96
C VAL G 124 -1.23 34.38 14.56
N SER G 125 -2.27 34.68 15.33
CA SER G 125 -3.60 34.17 14.99
C SER G 125 -4.47 35.22 14.34
N ARG G 126 -4.82 36.22 15.13
CA ARG G 126 -5.67 37.29 14.66
C ARG G 126 -4.85 38.44 14.09
N PRO G 127 -5.04 38.71 12.79
CA PRO G 127 -4.32 39.79 12.10
C PRO G 127 -4.56 41.06 12.90
N GLU G 128 -5.74 41.15 13.50
CA GLU G 128 -6.10 42.32 14.29
C GLU G 128 -5.05 42.59 15.35
N GLU G 129 -4.58 41.51 15.99
CA GLU G 129 -3.58 41.59 17.05
C GLU G 129 -2.15 41.60 16.52
N LEU G 130 -1.99 41.72 15.21
CA LEU G 130 -0.65 41.74 14.64
C LEU G 130 0.16 42.92 15.14
N ARG G 131 1.48 42.74 15.12
CA ARG G 131 2.42 43.78 15.55
C ARG G 131 3.50 43.85 14.49
N GLU G 132 4.40 44.84 14.58
CA GLU G 132 5.47 45.06 13.59
C GLU G 132 6.66 44.11 13.61
N ASP G 133 7.25 43.89 14.76
CA ASP G 133 8.40 43.01 14.77
C ASP G 133 8.01 41.55 14.58
N ASP G 134 6.72 41.31 14.33
CA ASP G 134 6.21 39.96 14.07
C ASP G 134 6.61 39.61 12.65
N VAL G 135 6.84 40.66 11.86
CA VAL G 135 7.21 40.52 10.45
C VAL G 135 8.65 40.11 10.29
N GLY G 136 8.81 38.84 9.96
CA GLY G 136 10.13 38.27 9.78
C GLY G 136 10.88 38.90 8.63
N THR G 137 12.15 39.22 8.88
CA THR G 137 12.99 39.82 7.84
C THR G 137 14.34 39.14 7.78
N GLY G 138 14.48 38.02 8.47
CA GLY G 138 15.75 37.30 8.49
C GLY G 138 16.01 36.52 7.21
N ALA G 139 14.97 36.41 6.38
CA ALA G 139 15.11 35.69 5.13
C ALA G 139 15.39 36.72 4.06
N GLY G 140 16.38 36.43 3.23
CA GLY G 140 16.75 37.36 2.18
C GLY G 140 16.26 37.01 0.79
N LEU G 141 15.58 35.88 0.63
CA LEU G 141 15.09 35.50 -0.70
C LEU G 141 13.98 34.47 -0.68
N LEU G 142 12.82 34.84 -1.24
CA LEU G 142 11.68 33.94 -1.31
C LEU G 142 11.50 33.60 -2.78
N GLU G 143 11.85 32.38 -3.17
CA GLU G 143 11.73 32.00 -4.57
C GLU G 143 10.90 30.73 -4.72
N ILE G 144 9.81 30.85 -5.48
CA ILE G 144 8.93 29.71 -5.71
C ILE G 144 9.16 29.15 -7.09
N LYS G 145 9.98 28.12 -7.21
CA LYS G 145 10.24 27.56 -8.51
C LYS G 145 9.63 26.19 -8.64
N LYS G 146 9.46 25.73 -9.88
CA LYS G 146 8.85 24.44 -10.14
C LYS G 146 9.86 23.36 -10.42
N ILE G 147 9.70 22.25 -9.75
CA ILE G 147 10.61 21.13 -9.87
C ILE G 147 9.75 19.92 -10.16
N GLY G 148 10.04 19.22 -11.26
CA GLY G 148 9.21 18.09 -11.62
C GLY G 148 7.80 18.60 -11.92
N ASP G 149 6.75 17.90 -11.47
CA ASP G 149 5.36 18.31 -11.72
C ASP G 149 4.82 19.23 -10.63
N GLU G 150 5.58 19.41 -9.55
CA GLU G 150 5.12 20.24 -8.43
C GLU G 150 5.88 21.54 -8.27
N TYR G 151 5.28 22.45 -7.52
CA TYR G 151 5.90 23.73 -7.23
C TYR G 151 6.48 23.69 -5.82
N PHE G 152 7.58 24.39 -5.61
CA PHE G 152 8.22 24.43 -4.31
C PHE G 152 8.59 25.84 -3.95
N THR G 153 8.40 26.18 -2.69
CA THR G 153 8.73 27.51 -2.19
C THR G 153 10.06 27.41 -1.45
N PHE G 154 11.00 28.29 -1.78
CA PHE G 154 12.32 28.31 -1.14
C PHE G 154 12.56 29.59 -0.39
N ILE G 155 12.78 29.51 0.91
CA ILE G 155 13.08 30.68 1.71
C ILE G 155 14.52 30.47 2.12
N THR G 156 15.41 31.29 1.57
CA THR G 156 16.84 31.16 1.80
C THR G 156 17.51 32.50 2.12
N ASP G 157 18.82 32.42 2.35
CA ASP G 157 19.64 33.58 2.69
C ASP G 157 19.25 34.11 4.07
N CYS G 158 19.34 33.21 5.04
CA CYS G 158 19.02 33.53 6.42
C CYS G 158 20.07 34.43 7.08
N LYS G 159 19.60 35.45 7.80
CA LYS G 159 20.50 36.37 8.50
C LYS G 159 21.27 35.55 9.56
N ASP G 160 20.62 34.54 10.11
CA ASP G 160 21.22 33.68 11.11
C ASP G 160 21.39 32.26 10.56
N PRO G 161 22.59 31.92 10.09
CA PRO G 161 22.88 30.58 9.53
C PRO G 161 22.46 29.42 10.44
N LYS G 162 22.21 29.74 11.70
CA LYS G 162 21.80 28.73 12.68
C LYS G 162 20.30 28.51 12.57
N ALA G 163 19.58 29.60 12.28
CA ALA G 163 18.13 29.56 12.14
C ALA G 163 17.69 28.79 10.90
N CYS G 164 18.64 28.29 10.12
CA CYS G 164 18.25 27.53 8.94
C CYS G 164 19.04 26.26 8.76
N THR G 165 18.36 25.19 8.37
CA THR G 165 19.03 23.92 8.17
C THR G 165 19.51 23.80 6.73
N ILE G 166 20.38 22.84 6.46
CA ILE G 166 20.91 22.63 5.11
C ILE G 166 19.90 21.87 4.25
N LEU G 167 19.85 22.11 2.95
CA LEU G 167 18.93 21.39 2.09
C LEU G 167 19.64 20.23 1.40
N LEU G 168 20.53 20.54 0.45
CA LEU G 168 21.27 19.49 -0.24
C LEU G 168 22.71 19.88 -0.59
N ARG G 169 23.26 19.25 -1.63
CA ARG G 169 24.63 19.50 -2.08
C ARG G 169 24.96 20.98 -2.08
N LEU H 7 23.13 21.97 -9.54
CA LEU H 7 22.28 20.75 -9.28
C LEU H 7 21.30 20.37 -10.40
N ARG H 8 21.56 19.24 -11.04
CA ARG H 8 20.72 18.77 -12.13
C ARG H 8 20.26 17.34 -11.87
N GLY H 9 19.06 16.98 -12.34
CA GLY H 9 18.62 15.61 -12.13
C GLY H 9 17.12 15.51 -12.00
N VAL H 10 16.66 14.60 -11.16
CA VAL H 10 15.25 14.42 -10.95
C VAL H 10 14.98 14.33 -9.45
N MET H 11 13.89 14.94 -9.00
CA MET H 11 13.55 14.89 -7.59
C MET H 11 12.10 14.46 -7.42
N ILE H 12 11.88 13.35 -6.73
CA ILE H 12 10.52 12.90 -6.51
C ILE H 12 10.22 12.73 -5.03
N ASN H 13 8.99 13.05 -4.64
CA ASN H 13 8.52 12.94 -3.27
C ASN H 13 8.26 11.47 -2.92
N LYS H 14 9.33 10.69 -2.73
CA LYS H 14 9.20 9.28 -2.39
C LYS H 14 10.36 8.82 -1.51
N ASP H 15 10.20 7.67 -0.88
CA ASP H 15 11.23 7.12 -0.02
C ASP H 15 11.25 5.62 -0.28
N VAL H 16 12.31 4.95 0.16
CA VAL H 16 12.43 3.51 -0.03
C VAL H 16 11.25 2.79 0.63
N THR H 17 10.97 1.57 0.18
CA THR H 17 9.86 0.81 0.74
C THR H 17 10.21 0.23 2.10
N HIS H 18 11.46 -0.21 2.24
CA HIS H 18 11.94 -0.83 3.46
C HIS H 18 13.02 0.11 4.06
N PRO H 19 12.96 0.39 5.38
CA PRO H 19 13.93 1.28 6.06
C PRO H 19 15.39 0.80 6.00
N ARG H 20 15.57 -0.50 5.87
CA ARG H 20 16.90 -1.06 5.79
C ARG H 20 17.60 -0.77 4.45
N MET H 21 16.83 -0.70 3.36
CA MET H 21 17.35 -0.45 2.01
C MET H 21 18.25 0.79 1.94
N ARG H 22 19.27 0.71 1.07
CA ARG H 22 20.20 1.81 0.89
C ARG H 22 19.58 3.10 0.37
N ARG H 23 19.68 4.18 1.14
CA ARG H 23 19.19 5.48 0.71
C ARG H 23 20.22 6.27 -0.11
N TYR H 24 21.46 5.79 -0.14
CA TYR H 24 22.53 6.48 -0.86
C TYR H 24 23.26 5.45 -1.73
N ILE H 25 23.32 5.73 -3.04
CA ILE H 25 23.97 4.82 -3.99
C ILE H 25 24.66 5.57 -5.11
N LYS H 26 25.96 5.33 -5.29
CA LYS H 26 26.73 5.98 -6.35
C LYS H 26 26.75 5.05 -7.53
N ASN H 27 26.70 5.61 -8.74
CA ASN H 27 26.69 4.81 -9.95
C ASN H 27 25.69 3.70 -9.78
N PRO H 28 24.39 4.07 -9.73
CA PRO H 28 23.33 3.10 -9.57
C PRO H 28 22.82 2.47 -10.82
N ARG H 29 22.53 1.19 -10.73
CA ARG H 29 21.92 0.47 -11.85
C ARG H 29 20.37 0.56 -11.67
N ILE H 30 19.73 1.52 -12.34
CA ILE H 30 18.30 1.70 -12.19
C ILE H 30 17.43 0.86 -13.14
N VAL H 31 16.36 0.31 -12.60
CA VAL H 31 15.43 -0.50 -13.40
C VAL H 31 14.01 0.03 -13.20
N LEU H 32 13.41 0.55 -14.26
CA LEU H 32 12.05 1.09 -14.18
C LEU H 32 10.95 0.12 -14.59
N LEU H 33 9.86 0.08 -13.83
CA LEU H 33 8.75 -0.80 -14.14
C LEU H 33 7.44 -0.02 -14.08
N ASP H 34 6.42 -0.53 -14.75
CA ASP H 34 5.10 0.11 -14.72
C ASP H 34 4.06 -0.91 -14.28
N SER H 35 4.55 -2.11 -13.96
CA SER H 35 3.69 -3.19 -13.52
C SER H 35 3.76 -3.33 -12.01
N SER H 36 2.87 -4.14 -11.46
CA SER H 36 2.84 -4.35 -10.03
C SER H 36 3.69 -5.54 -9.63
N LEU H 37 4.36 -5.40 -8.50
CA LEU H 37 5.18 -6.52 -8.04
C LEU H 37 4.39 -7.34 -7.04
N GLU H 38 3.45 -8.13 -7.57
CA GLU H 38 2.61 -9.05 -6.78
C GLU H 38 2.11 -10.23 -7.61
N TYR H 39 1.34 -11.10 -6.97
CA TYR H 39 0.83 -12.28 -7.65
C TYR H 39 -0.06 -11.88 -8.83
N THR H 57 -4.45 -26.83 0.44
CA THR H 57 -4.33 -25.85 1.51
C THR H 57 -3.17 -24.89 1.27
N ARG H 58 -2.10 -25.41 0.67
CA ARG H 58 -0.89 -24.66 0.37
C ARG H 58 -1.00 -23.77 -0.86
N ILE H 59 -2.03 -22.92 -0.92
CA ILE H 59 -2.19 -22.02 -2.05
C ILE H 59 -1.26 -20.84 -1.83
N LEU H 60 -0.84 -20.64 -0.58
CA LEU H 60 0.06 -19.55 -0.25
C LEU H 60 1.46 -19.89 -0.79
N GLN H 61 1.65 -21.15 -1.18
CA GLN H 61 2.92 -21.59 -1.75
C GLN H 61 3.05 -21.04 -3.17
N MET H 62 1.94 -21.06 -3.91
CA MET H 62 1.93 -20.56 -5.29
C MET H 62 2.32 -19.08 -5.33
N GLU H 63 2.12 -18.39 -4.21
CA GLU H 63 2.48 -16.99 -4.13
C GLU H 63 3.97 -16.82 -3.92
N GLU H 64 4.51 -17.34 -2.83
CA GLU H 64 5.95 -17.20 -2.60
C GLU H 64 6.75 -17.61 -3.83
N GLU H 65 6.34 -18.67 -4.52
CA GLU H 65 7.08 -19.12 -5.70
C GLU H 65 7.12 -18.05 -6.79
N TYR H 66 5.94 -17.60 -7.19
CA TYR H 66 5.75 -16.60 -8.24
C TYR H 66 6.36 -15.22 -7.92
N ILE H 67 6.36 -14.84 -6.64
CA ILE H 67 6.91 -13.56 -6.24
C ILE H 67 8.41 -13.74 -6.28
N HIS H 68 8.82 -14.95 -5.94
CA HIS H 68 10.22 -15.29 -5.96
C HIS H 68 10.72 -15.19 -7.39
N GLN H 69 10.01 -15.83 -8.31
CA GLN H 69 10.44 -15.80 -9.69
C GLN H 69 10.51 -14.38 -10.26
N LEU H 70 9.58 -13.52 -9.88
CA LEU H 70 9.56 -12.13 -10.36
C LEU H 70 10.84 -11.44 -9.89
N CYS H 71 11.14 -11.63 -8.61
CA CYS H 71 12.33 -11.02 -8.01
C CYS H 71 13.61 -11.57 -8.64
N GLU H 72 13.66 -12.88 -8.85
CA GLU H 72 14.84 -13.48 -9.44
C GLU H 72 15.10 -12.87 -10.81
N ASP H 73 14.04 -12.64 -11.57
CA ASP H 73 14.21 -12.04 -12.90
C ASP H 73 14.86 -10.67 -12.79
N ILE H 74 14.45 -9.92 -11.79
CA ILE H 74 15.00 -8.60 -11.57
C ILE H 74 16.47 -8.69 -11.12
N ILE H 75 16.70 -9.51 -10.09
CA ILE H 75 18.03 -9.72 -9.53
C ILE H 75 18.99 -10.17 -10.62
N GLN H 76 18.45 -10.90 -11.61
CA GLN H 76 19.27 -11.38 -12.73
C GLN H 76 19.96 -10.23 -13.47
N LEU H 77 19.32 -9.07 -13.52
CA LEU H 77 19.96 -7.96 -14.19
C LEU H 77 20.80 -7.20 -13.24
N LYS H 78 20.98 -7.75 -12.04
CA LYS H 78 21.79 -7.12 -11.01
C LYS H 78 21.65 -5.58 -10.97
N PRO H 79 20.50 -5.09 -10.47
CA PRO H 79 20.23 -3.65 -10.35
C PRO H 79 20.42 -3.15 -8.93
N ASP H 80 20.59 -1.84 -8.77
CA ASP H 80 20.77 -1.27 -7.44
C ASP H 80 19.41 -0.79 -6.95
N VAL H 81 18.66 -0.19 -7.87
CA VAL H 81 17.34 0.33 -7.56
C VAL H 81 16.30 -0.22 -8.50
N VAL H 82 15.10 -0.45 -7.98
CA VAL H 82 13.97 -0.92 -8.78
C VAL H 82 12.82 0.02 -8.41
N ILE H 83 12.35 0.77 -9.40
CA ILE H 83 11.26 1.70 -9.20
C ILE H 83 10.05 1.29 -10.04
N THR H 84 8.85 1.37 -9.47
CA THR H 84 7.65 1.01 -10.22
C THR H 84 6.51 1.99 -9.99
N GLU H 85 5.61 2.03 -10.97
CA GLU H 85 4.45 2.91 -10.91
C GLU H 85 3.38 2.30 -10.02
N LYS H 86 3.36 0.99 -9.86
CA LYS H 86 2.33 0.39 -9.02
C LYS H 86 2.79 0.10 -7.60
N GLY H 87 2.45 -1.08 -7.10
CA GLY H 87 2.85 -1.44 -5.76
C GLY H 87 3.83 -2.59 -5.65
N ILE H 88 4.37 -2.80 -4.46
CA ILE H 88 5.33 -3.86 -4.22
C ILE H 88 4.94 -4.61 -2.93
N SER H 89 4.66 -5.90 -3.06
CA SER H 89 4.25 -6.69 -1.91
C SER H 89 5.36 -6.74 -0.86
N ASP H 90 4.98 -7.03 0.39
CA ASP H 90 5.96 -7.12 1.47
C ASP H 90 6.96 -8.22 1.19
N LEU H 91 6.49 -9.32 0.61
CA LEU H 91 7.36 -10.45 0.31
C LEU H 91 8.39 -10.00 -0.72
N ALA H 92 7.93 -9.31 -1.76
CA ALA H 92 8.83 -8.84 -2.80
C ALA H 92 9.86 -7.91 -2.21
N GLN H 93 9.34 -6.97 -1.43
CA GLN H 93 10.19 -6.01 -0.77
C GLN H 93 11.25 -6.72 0.05
N HIS H 94 10.94 -7.90 0.55
CA HIS H 94 11.89 -8.62 1.38
C HIS H 94 12.99 -9.29 0.56
N TYR H 95 12.60 -9.88 -0.56
CA TYR H 95 13.50 -10.55 -1.49
C TYR H 95 14.44 -9.55 -2.13
N LEU H 96 13.93 -8.43 -2.63
CA LEU H 96 14.77 -7.43 -3.25
C LEU H 96 15.78 -6.90 -2.23
N MET H 97 15.29 -6.66 -1.01
CA MET H 97 16.10 -6.14 0.09
C MET H 97 17.22 -7.10 0.44
N ARG H 98 16.95 -8.39 0.40
CA ARG H 98 18.04 -9.27 0.70
C ARG H 98 19.05 -9.32 -0.46
N ALA H 99 18.67 -8.92 -1.69
CA ALA H 99 19.64 -8.88 -2.79
C ALA H 99 20.27 -7.50 -2.86
N ASN H 100 20.15 -6.75 -1.75
CA ASN H 100 20.72 -5.41 -1.64
C ASN H 100 20.20 -4.48 -2.74
N VAL H 101 18.91 -4.61 -3.06
CA VAL H 101 18.26 -3.80 -4.09
C VAL H 101 17.27 -2.85 -3.45
N THR H 102 17.43 -1.56 -3.70
CA THR H 102 16.50 -0.58 -3.14
C THR H 102 15.24 -0.51 -4.00
N ALA H 103 14.07 -0.47 -3.37
CA ALA H 103 12.82 -0.41 -4.12
C ALA H 103 11.94 0.78 -3.80
N ILE H 104 11.40 1.43 -4.83
CA ILE H 104 10.51 2.56 -4.66
C ILE H 104 9.21 2.23 -5.39
N ARG H 105 8.06 2.44 -4.73
CA ARG H 105 6.79 2.10 -5.34
C ARG H 105 5.83 3.26 -5.52
N ARG H 106 4.80 3.01 -6.31
CA ARG H 106 3.78 4.00 -6.56
C ARG H 106 4.34 5.30 -7.06
N VAL H 107 5.28 5.25 -7.99
CA VAL H 107 5.86 6.46 -8.56
C VAL H 107 4.98 6.93 -9.69
N ARG H 108 4.63 8.22 -9.66
CA ARG H 108 3.80 8.81 -10.71
C ARG H 108 4.37 8.60 -12.12
N LYS H 109 3.49 8.26 -13.07
CA LYS H 109 3.92 8.00 -14.47
C LYS H 109 4.85 9.08 -15.02
N THR H 110 4.51 10.34 -14.79
CA THR H 110 5.33 11.42 -15.28
C THR H 110 6.74 11.33 -14.66
N ASP H 111 6.80 11.21 -13.33
CA ASP H 111 8.09 11.09 -12.66
C ASP H 111 8.86 9.89 -13.19
N ASN H 112 8.16 8.78 -13.32
CA ASN H 112 8.82 7.59 -13.84
C ASN H 112 9.42 7.87 -15.21
N ASN H 113 8.79 8.71 -16.00
CA ASN H 113 9.37 9.03 -17.29
C ASN H 113 10.58 9.90 -17.09
N ARG H 114 10.44 10.95 -16.30
CA ARG H 114 11.59 11.84 -16.08
C ARG H 114 12.81 11.02 -15.66
N ILE H 115 12.61 10.06 -14.77
CA ILE H 115 13.70 9.23 -14.32
C ILE H 115 14.27 8.43 -15.47
N ALA H 116 13.40 7.93 -16.33
CA ALA H 116 13.83 7.14 -17.49
C ALA H 116 14.79 7.95 -18.37
N ARG H 117 14.43 9.20 -18.65
CA ARG H 117 15.27 10.05 -19.48
C ARG H 117 16.57 10.41 -18.77
N ALA H 118 16.49 10.65 -17.47
CA ALA H 118 17.67 11.03 -16.70
C ALA H 118 18.71 9.93 -16.57
N CYS H 119 18.32 8.70 -16.32
CA CYS H 119 19.31 7.65 -16.16
C CYS H 119 19.38 6.76 -17.39
N GLY H 120 18.52 7.03 -18.36
CA GLY H 120 18.51 6.24 -19.58
C GLY H 120 17.92 4.85 -19.49
N ALA H 121 17.04 4.62 -18.53
CA ALA H 121 16.43 3.31 -18.41
C ALA H 121 15.19 3.30 -19.30
N ARG H 122 14.70 2.09 -19.58
CA ARG H 122 13.51 1.92 -20.40
C ARG H 122 12.39 1.28 -19.61
N ILE H 123 11.36 2.06 -19.24
CA ILE H 123 10.25 1.51 -18.44
C ILE H 123 9.72 0.24 -19.10
N VAL H 124 9.63 -0.82 -18.32
CA VAL H 124 9.18 -2.13 -18.79
C VAL H 124 7.96 -2.60 -17.99
N SER H 125 7.25 -3.60 -18.49
CA SER H 125 6.08 -4.10 -17.76
C SER H 125 6.39 -5.40 -17.02
N ARG H 126 6.70 -6.47 -17.74
CA ARG H 126 7.01 -7.72 -17.05
C ARG H 126 8.52 -7.91 -16.98
N PRO H 127 9.07 -8.08 -15.76
CA PRO H 127 10.51 -8.26 -15.57
C PRO H 127 11.11 -9.18 -16.61
N GLU H 128 10.55 -10.39 -16.69
CA GLU H 128 11.02 -11.42 -17.62
C GLU H 128 11.48 -10.97 -19.01
N GLU H 129 11.17 -9.72 -19.39
CA GLU H 129 11.54 -9.18 -20.71
C GLU H 129 12.55 -8.03 -20.62
N LEU H 130 13.27 -7.97 -19.51
CA LEU H 130 14.26 -6.93 -19.32
C LEU H 130 15.55 -7.28 -20.02
N ARG H 131 16.22 -6.27 -20.54
CA ARG H 131 17.48 -6.48 -21.23
C ARG H 131 18.51 -5.53 -20.65
N GLU H 132 19.78 -5.92 -20.77
CA GLU H 132 20.84 -5.10 -20.25
C GLU H 132 20.64 -3.68 -20.67
N ASP H 133 20.22 -3.49 -21.91
CA ASP H 133 20.02 -2.15 -22.42
C ASP H 133 19.03 -1.41 -21.59
N ASP H 134 18.03 -2.13 -21.09
CA ASP H 134 16.97 -1.51 -20.31
C ASP H 134 17.40 -0.84 -19.01
N VAL H 135 18.49 -1.36 -18.43
CA VAL H 135 19.08 -0.89 -17.17
C VAL H 135 19.67 0.47 -17.34
N GLY H 136 19.09 1.47 -16.70
CA GLY H 136 19.64 2.80 -16.83
C GLY H 136 20.89 2.98 -16.00
N THR H 137 21.91 3.58 -16.60
CA THR H 137 23.17 3.82 -15.90
C THR H 137 23.65 5.25 -16.12
N GLY H 138 22.79 6.09 -16.68
CA GLY H 138 23.17 7.47 -16.94
C GLY H 138 23.16 8.33 -15.70
N ALA H 139 22.61 7.79 -14.62
CA ALA H 139 22.54 8.53 -13.38
C ALA H 139 23.71 8.09 -12.54
N GLY H 140 24.42 9.05 -11.97
CA GLY H 140 25.59 8.73 -11.17
C GLY H 140 25.38 8.78 -9.67
N LEU H 141 24.19 9.16 -9.21
CA LEU H 141 23.97 9.23 -7.77
C LEU H 141 22.48 9.22 -7.37
N LEU H 142 22.11 8.22 -6.58
CA LEU H 142 20.74 8.09 -6.10
C LEU H 142 20.78 8.36 -4.60
N GLU H 143 20.30 9.53 -4.18
CA GLU H 143 20.31 9.86 -2.77
C GLU H 143 18.94 10.22 -2.26
N ILE H 144 18.47 9.48 -1.27
CA ILE H 144 17.16 9.71 -0.69
C ILE H 144 17.31 10.42 0.64
N LYS H 145 17.28 11.75 0.60
CA LYS H 145 17.42 12.50 1.82
C LYS H 145 16.10 13.10 2.28
N LYS H 146 15.99 13.33 3.58
CA LYS H 146 14.78 13.88 4.12
C LYS H 146 14.84 15.41 4.11
N ILE H 147 13.70 16.05 3.85
CA ILE H 147 13.60 17.51 3.84
C ILE H 147 12.27 17.81 4.50
N GLY H 148 12.28 18.63 5.55
CA GLY H 148 11.05 18.93 6.24
C GLY H 148 10.51 17.63 6.83
N ASP H 149 9.20 17.42 6.73
CA ASP H 149 8.60 16.20 7.27
C ASP H 149 8.56 15.06 6.27
N GLU H 150 8.92 15.34 5.02
CA GLU H 150 8.87 14.33 3.97
C GLU H 150 10.24 13.89 3.47
N TYR H 151 10.25 12.74 2.80
CA TYR H 151 11.47 12.21 2.22
C TYR H 151 11.44 12.50 0.72
N PHE H 152 12.61 12.73 0.14
CA PHE H 152 12.70 13.00 -1.28
C PHE H 152 13.84 12.19 -1.88
N THR H 153 13.59 11.62 -3.04
CA THR H 153 14.59 10.83 -3.75
C THR H 153 15.24 11.74 -4.79
N PHE H 154 16.56 11.77 -4.83
CA PHE H 154 17.29 12.60 -5.78
C PHE H 154 18.14 11.75 -6.71
N ILE H 155 17.87 11.85 -8.02
CA ILE H 155 18.67 11.11 -8.99
C ILE H 155 19.39 12.21 -9.74
N THR H 156 20.71 12.28 -9.54
CA THR H 156 21.54 13.32 -10.12
C THR H 156 22.82 12.79 -10.75
N ASP H 157 23.64 13.69 -11.29
CA ASP H 157 24.91 13.30 -11.94
C ASP H 157 24.55 12.49 -13.17
N CYS H 158 24.44 13.18 -14.28
CA CYS H 158 24.06 12.55 -15.54
C CYS H 158 25.26 12.53 -16.49
N LYS H 159 25.63 11.34 -16.95
CA LYS H 159 26.77 11.21 -17.85
C LYS H 159 26.71 12.27 -18.94
N ASP H 160 25.49 12.64 -19.35
CA ASP H 160 25.30 13.67 -20.38
C ASP H 160 24.69 14.88 -19.70
N PRO H 161 25.51 15.74 -19.08
CA PRO H 161 25.06 16.93 -18.39
C PRO H 161 24.23 17.85 -19.27
N LYS H 162 22.94 17.54 -19.39
CA LYS H 162 22.01 18.31 -20.21
C LYS H 162 20.72 17.52 -20.46
N ALA H 163 20.85 16.19 -20.50
CA ALA H 163 19.69 15.30 -20.71
C ALA H 163 18.76 15.51 -19.50
N CYS H 164 19.39 15.82 -18.37
CA CYS H 164 18.77 16.10 -17.08
C CYS H 164 18.50 17.59 -16.94
N THR H 165 17.43 17.93 -16.24
CA THR H 165 17.06 19.33 -16.05
C THR H 165 17.71 19.88 -14.79
N ILE H 166 17.73 21.20 -14.67
CA ILE H 166 18.32 21.83 -13.49
C ILE H 166 17.33 21.81 -12.32
N LEU H 167 17.80 21.75 -11.08
CA LEU H 167 16.84 21.78 -9.98
C LEU H 167 17.05 23.03 -9.12
N LEU H 168 18.31 23.34 -8.81
CA LEU H 168 18.64 24.49 -7.97
C LEU H 168 20.05 24.99 -8.30
#